data_2JG8
#
_entry.id   2JG8
#
_cell.length_a   48.090
_cell.length_b   48.070
_cell.length_c   84.700
_cell.angle_alpha   91.34
_cell.angle_beta   93.34
_cell.angle_gamma   113.68
#
_symmetry.space_group_name_H-M   'P 1'
#
loop_
_entity.id
_entity.type
_entity.pdbx_description
1 polymer 'Complement C1q subcomponent subunit A'
2 polymer 'Complement C1q subcomponent subunit B'
3 polymer 'Complement C1q subcomponent subunit C'
4 non-polymer 2-acetamido-2-deoxy-beta-D-glucopyranose
5 non-polymer 'CALCIUM ION'
6 non-polymer PHOSPHOSERINE
7 water water
#
loop_
_entity_poly.entity_id
_entity_poly.type
_entity_poly.pdbx_seq_one_letter_code
_entity_poly.pdbx_strand_id
1 'polypeptide(L)'
;QPRPAFSAIRRNPPMGGNVVIFDTVITNQEEPYQNHSGRFVCTVPGYYYFTFQVLSQWEICLSIVSSSRGQVRRSLGFCD
TTNKGLFQVVSGGMVLQLQQGDQVWVEKDPKKGHIYQGSEADSVFSGFLIFPSA
;
A,D
2 'polypeptide(L)'
;ATQKIAFSATRTINVPLRRDQTIRFDHVITNMNNNYEPRSGKFTCKVPGLYYFTYHASSRGNLCVNLMRGRERAQKVVTF
CDYAYNTFQVTTGGMVLKLEQGENVFLQATDKNSLLGMEGANSIFSGFLLFPDMEA
;
B,E
3 'polypeptide(L)'
;KQKFQSVFTVTRQTHQPPAPNSLIRFNAVLTNPQGDYDTSTGKFTCKVPGLYYFVYHASHTANLCVLLYRSGVKVVTFCG
HTSKTNQVNSGGVLLRLQVGEEVWLAVNDYYDMVGIQGSDSVFSGFLLFPD
;
C,F
#
loop_
_chem_comp.id
_chem_comp.type
_chem_comp.name
_chem_comp.formula
CA non-polymer 'CALCIUM ION' 'Ca 2'
NAG D-saccharide, beta linking 2-acetamido-2-deoxy-beta-D-glucopyranose 'C8 H15 N O6'
#
# COMPACT_ATOMS: atom_id res chain seq x y z
N GLN A 1 16.71 24.57 19.27
CA GLN A 1 16.75 23.53 18.19
C GLN A 1 15.83 22.35 18.51
N PRO A 2 14.96 21.97 17.56
CA PRO A 2 14.05 20.83 17.69
C PRO A 2 14.78 19.57 18.18
N ARG A 3 14.41 19.11 19.38
CA ARG A 3 14.85 17.28 19.97
C ARG A 3 13.84 16.06 20.10
N PRO A 4 12.61 16.08 19.60
CA PRO A 4 11.56 15.27 20.22
C PRO A 4 11.87 13.78 20.06
N ALA A 5 11.89 13.05 21.18
CA ALA A 5 12.26 11.64 21.19
C ALA A 5 11.72 10.95 22.44
N PHE A 6 11.10 9.79 22.25
CA PHE A 6 10.58 9.06 23.40
C PHE A 6 10.75 7.56 23.25
N SER A 7 10.77 6.88 24.40
CA SER A 7 10.58 5.45 24.49
C SER A 7 9.71 5.19 25.70
N ALA A 8 8.74 4.29 25.55
CA ALA A 8 7.88 3.93 26.68
C ALA A 8 7.62 2.44 26.70
N ILE A 9 7.52 1.90 27.92
CA ILE A 9 7.26 0.48 28.07
C ILE A 9 6.00 0.23 28.89
N ARG A 10 5.59 -1.03 28.94
CA ARG A 10 4.41 -1.45 29.69
C ARG A 10 4.79 -2.08 31.03
N ARG A 11 4.05 -1.75 32.08
CA ARG A 11 4.21 -2.45 33.36
C ARG A 11 2.96 -2.37 34.24
N ASN A 12 2.40 -1.17 34.36
N ASN A 12 2.39 -1.18 34.34
CA ASN A 12 1.12 -1.00 35.04
CA ASN A 12 1.13 -0.99 35.05
C ASN A 12 0.15 -0.24 34.14
C ASN A 12 0.14 -0.25 34.16
N PRO A 13 -0.16 -0.82 32.97
CA PRO A 13 -0.97 -0.07 32.01
C PRO A 13 -2.44 -0.04 32.36
N PRO A 14 -3.06 1.13 32.23
CA PRO A 14 -4.51 1.19 32.26
C PRO A 14 -5.05 0.46 31.05
N MET A 15 -5.95 -0.50 31.30
N MET A 15 -5.93 -0.50 31.28
CA MET A 15 -6.54 -1.29 30.22
CA MET A 15 -6.50 -1.24 30.17
C MET A 15 -7.96 -0.84 29.89
C MET A 15 -7.59 -0.40 29.52
N GLY A 16 -8.34 -1.03 28.64
CA GLY A 16 -9.54 -0.43 28.10
C GLY A 16 -9.30 0.13 26.71
N GLY A 17 -10.25 -0.11 25.82
CA GLY A 17 -10.14 0.33 24.46
C GLY A 17 -9.08 -0.45 23.70
N ASN A 18 -8.89 -0.05 22.45
CA ASN A 18 -7.96 -0.74 21.58
C ASN A 18 -6.63 -0.02 21.46
N VAL A 19 -6.54 1.16 22.07
CA VAL A 19 -5.28 1.89 22.13
C VAL A 19 -4.35 1.20 23.12
N VAL A 20 -3.12 0.93 22.71
CA VAL A 20 -2.14 0.27 23.58
C VAL A 20 -1.38 1.32 24.39
N ILE A 21 -1.63 1.35 25.69
CA ILE A 21 -1.00 2.35 26.51
C ILE A 21 0.30 1.82 27.11
N PHE A 22 1.39 2.53 26.87
CA PHE A 22 2.67 2.19 27.47
C PHE A 22 2.91 3.16 28.63
N ASP A 23 2.71 2.67 29.86
CA ASP A 23 2.57 3.57 31.00
C ASP A 23 3.89 4.02 31.63
N THR A 24 4.95 3.26 31.37
CA THR A 24 6.22 3.58 32.01
C THR A 24 7.21 4.25 31.05
N VAL A 25 7.51 5.51 31.32
CA VAL A 25 8.37 6.30 30.45
C VAL A 25 9.86 6.06 30.73
N ILE A 26 10.61 5.79 29.67
CA ILE A 26 12.04 5.60 29.76
C ILE A 26 12.74 6.88 29.30
N THR A 27 12.28 7.40 28.17
CA THR A 27 12.77 8.67 27.63
C THR A 27 11.60 9.46 27.07
N ASN A 28 11.61 10.77 27.30
CA ASN A 28 10.55 11.63 26.80
C ASN A 28 11.09 13.05 26.60
N GLN A 29 11.97 13.21 25.62
CA GLN A 29 12.61 14.50 25.35
C GLN A 29 11.64 15.44 24.64
N GLU A 30 11.39 16.59 25.26
N GLU A 30 11.40 16.58 25.28
CA GLU A 30 10.35 17.52 24.82
CA GLU A 30 10.37 17.53 24.86
C GLU A 30 8.99 17.08 25.36
C GLU A 30 8.99 17.06 25.32
N GLU A 31 8.98 16.01 26.15
CA GLU A 31 7.73 15.43 26.65
C GLU A 31 6.61 15.27 25.60
N PRO A 32 6.94 14.73 24.42
CA PRO A 32 5.88 14.61 23.41
C PRO A 32 4.90 13.47 23.71
N TYR A 33 5.37 12.46 24.43
CA TYR A 33 4.55 11.27 24.70
C TYR A 33 3.74 11.34 26.00
N GLN A 34 2.45 11.01 25.91
N GLN A 34 2.46 11.01 25.94
CA GLN A 34 1.53 11.01 27.04
CA GLN A 34 1.61 11.08 27.13
C GLN A 34 1.34 9.60 27.59
C GLN A 34 1.25 9.70 27.66
N ASN A 35 1.89 9.34 28.76
CA ASN A 35 1.88 7.98 29.30
C ASN A 35 0.53 7.51 29.88
N HIS A 36 -0.37 8.46 30.12
CA HIS A 36 -1.71 8.12 30.61
C HIS A 36 -2.62 7.67 29.46
N SER A 37 -2.34 8.13 28.24
CA SER A 37 -3.21 7.84 27.09
C SER A 37 -2.55 6.96 26.03
N GLY A 38 -1.22 6.90 26.06
CA GLY A 38 -0.48 6.14 25.04
C GLY A 38 -0.31 6.90 23.73
N ARG A 39 -0.55 8.21 23.77
CA ARG A 39 -0.51 9.03 22.57
C ARG A 39 0.72 9.95 22.52
N PHE A 40 1.36 9.94 21.35
CA PHE A 40 2.43 10.86 21.03
C PHE A 40 1.81 12.08 20.36
N VAL A 41 2.23 13.27 20.77
CA VAL A 41 1.71 14.50 20.20
C VAL A 41 2.84 15.23 19.50
N CYS A 42 2.64 15.56 18.22
CA CYS A 42 3.66 16.29 17.47
C CYS A 42 3.67 17.77 17.82
N THR A 43 4.82 18.28 18.25
CA THR A 43 4.98 19.72 18.46
C THR A 43 5.73 20.31 17.28
N VAL A 44 6.84 19.69 16.92
CA VAL A 44 7.63 20.14 15.79
C VAL A 44 7.21 19.37 14.54
N PRO A 45 6.79 20.10 13.49
CA PRO A 45 6.34 19.49 12.24
C PRO A 45 7.53 18.93 11.48
N GLY A 46 7.36 17.79 10.82
CA GLY A 46 8.49 17.11 10.18
C GLY A 46 8.30 15.63 9.97
N TYR A 47 9.39 14.96 9.58
CA TYR A 47 9.39 13.51 9.38
C TYR A 47 9.89 12.80 10.63
N TYR A 48 9.09 11.83 11.10
CA TYR A 48 9.36 11.10 12.33
C TYR A 48 9.47 9.60 12.07
N TYR A 49 10.31 8.92 12.84
CA TYR A 49 10.28 7.46 12.83
C TYR A 49 9.56 6.92 14.07
N PHE A 50 8.67 5.95 13.84
CA PHE A 50 7.98 5.27 14.95
C PHE A 50 8.17 3.77 14.82
N THR A 51 8.40 3.11 15.95
CA THR A 51 8.57 1.67 15.94
C THR A 51 8.05 1.04 17.25
N PHE A 52 7.65 -0.23 17.18
CA PHE A 52 7.23 -0.94 18.40
C PHE A 52 7.72 -2.38 18.36
N GLN A 53 8.02 -2.91 19.55
CA GLN A 53 8.31 -4.32 19.71
C GLN A 53 7.48 -4.81 20.89
N VAL A 54 6.42 -5.55 20.59
CA VAL A 54 5.41 -5.86 21.59
C VAL A 54 5.29 -7.36 21.80
N LEU A 55 5.34 -7.76 23.07
CA LEU A 55 5.36 -9.15 23.45
C LEU A 55 3.96 -9.74 23.58
N SER A 56 3.78 -10.91 22.95
CA SER A 56 2.52 -11.63 23.03
C SER A 56 2.80 -13.12 23.27
N GLN A 57 1.80 -13.84 23.73
CA GLN A 57 1.91 -15.28 23.91
C GLN A 57 0.88 -16.02 23.05
N TRP A 58 -0.11 -15.30 22.53
CA TRP A 58 -1.21 -15.91 21.80
C TRP A 58 -1.43 -15.31 20.42
N GLU A 59 -2.43 -14.45 20.24
CA GLU A 59 -2.60 -13.75 18.97
C GLU A 59 -2.56 -12.25 19.15
N ILE A 60 -1.83 -11.56 18.29
CA ILE A 60 -1.73 -10.10 18.36
C ILE A 60 -1.59 -9.45 16.99
N CYS A 61 -2.45 -8.47 16.72
CA CYS A 61 -2.30 -7.62 15.54
C CYS A 61 -2.27 -6.18 16.01
N LEU A 62 -1.23 -5.44 15.62
CA LEU A 62 -1.05 -4.05 16.05
C LEU A 62 -0.91 -3.12 14.85
N SER A 63 -1.34 -1.89 15.03
CA SER A 63 -1.24 -0.90 13.98
C SER A 63 -0.77 0.42 14.57
N ILE A 64 0.12 1.11 13.86
CA ILE A 64 0.48 2.47 14.24
C ILE A 64 -0.53 3.37 13.55
N VAL A 65 -1.31 4.06 14.36
CA VAL A 65 -2.40 4.91 13.91
C VAL A 65 -2.04 6.38 14.17
N SER A 66 -2.51 7.27 13.33
CA SER A 66 -2.28 8.69 13.59
C SER A 66 -3.59 9.46 13.43
N SER A 67 -3.56 10.74 13.80
CA SER A 67 -4.69 11.61 13.54
C SER A 67 -4.26 13.04 13.22
N SER A 68 -5.06 13.70 12.39
CA SER A 68 -4.86 15.09 12.04
C SER A 68 -6.22 15.78 12.16
N ARG A 69 -6.26 16.83 12.97
CA ARG A 69 -7.49 17.57 13.23
C ARG A 69 -8.54 16.65 13.83
N GLY A 70 -8.08 15.64 14.58
CA GLY A 70 -8.98 14.70 15.25
C GLY A 70 -9.56 13.61 14.37
N GLN A 71 -9.32 13.69 13.06
CA GLN A 71 -9.73 12.64 12.14
C GLN A 71 -8.72 11.50 12.17
N VAL A 72 -9.20 10.28 12.39
CA VAL A 72 -8.32 9.13 12.53
C VAL A 72 -7.78 8.68 11.17
N ARG A 73 -6.48 8.41 11.11
CA ARG A 73 -5.84 7.91 9.91
C ARG A 73 -5.23 6.54 10.16
N ARG A 74 -5.95 5.49 9.76
CA ARG A 74 -5.48 4.12 9.91
C ARG A 74 -4.33 3.87 8.96
N SER A 75 -3.52 2.86 9.29
CA SER A 75 -2.33 2.58 8.53
C SER A 75 -2.04 1.07 8.53
N LEU A 76 -0.78 0.72 8.36
CA LEU A 76 -0.36 -0.67 8.19
C LEU A 76 -0.50 -1.43 9.52
N GLY A 77 -0.56 -2.75 9.43
CA GLY A 77 -0.62 -3.57 10.62
C GLY A 77 0.50 -4.59 10.66
N PHE A 78 0.67 -5.20 11.82
CA PHE A 78 1.71 -6.21 12.00
C PHE A 78 1.22 -7.23 13.00
N CYS A 79 1.39 -8.52 12.68
CA CYS A 79 0.77 -9.58 13.48
C CYS A 79 1.72 -10.74 13.83
N ASP A 80 1.48 -11.34 14.99
CA ASP A 80 2.01 -12.68 15.30
C ASP A 80 0.84 -13.55 15.74
N THR A 81 0.59 -14.62 15.01
CA THR A 81 -0.55 -15.49 15.32
C THR A 81 -0.10 -16.91 15.64
N THR A 82 1.14 -17.05 16.09
CA THR A 82 1.71 -18.34 16.47
C THR A 82 0.78 -19.07 17.45
N ASN A 83 0.24 -18.33 18.41
CA ASN A 83 -0.83 -18.84 19.29
C ASN A 83 -0.48 -20.16 20.00
N LYS A 84 0.71 -20.22 20.60
CA LYS A 84 1.11 -21.44 21.28
C LYS A 84 1.41 -21.19 22.76
N GLY A 85 1.16 -19.96 23.20
CA GLY A 85 1.37 -19.60 24.60
C GLY A 85 2.80 -19.30 24.98
N LEU A 86 3.67 -19.15 23.99
CA LEU A 86 5.06 -18.84 24.24
C LEU A 86 5.42 -17.46 23.72
N PHE A 87 6.34 -16.80 24.40
CA PHE A 87 6.76 -15.46 24.01
C PHE A 87 7.04 -15.34 22.52
N GLN A 88 6.33 -14.44 21.85
CA GLN A 88 6.69 -14.01 20.50
C GLN A 88 6.67 -12.49 20.50
N VAL A 89 7.61 -11.87 19.78
CA VAL A 89 7.65 -10.41 19.67
C VAL A 89 7.17 -9.98 18.30
N VAL A 90 6.10 -9.20 18.27
CA VAL A 90 5.63 -8.64 17.02
C VAL A 90 6.24 -7.25 16.93
N SER A 91 6.65 -6.84 15.72
CA SER A 91 7.25 -5.53 15.55
C SER A 91 6.79 -4.85 14.27
N GLY A 92 6.95 -3.54 14.25
CA GLY A 92 6.62 -2.77 13.07
C GLY A 92 7.16 -1.36 13.26
N GLY A 93 7.20 -0.60 12.17
CA GLY A 93 7.70 0.77 12.25
C GLY A 93 7.49 1.45 10.92
N MET A 94 7.51 2.79 10.93
CA MET A 94 7.39 3.56 9.70
C MET A 94 7.81 5.01 9.90
N VAL A 95 8.14 5.67 8.78
CA VAL A 95 8.29 7.11 8.77
C VAL A 95 6.88 7.71 8.61
N LEU A 96 6.58 8.73 9.40
CA LEU A 96 5.33 9.49 9.24
C LEU A 96 5.66 10.96 9.17
N GLN A 97 5.18 11.63 8.13
CA GLN A 97 5.26 13.08 8.07
C GLN A 97 4.09 13.68 8.87
N LEU A 98 4.40 14.45 9.90
CA LEU A 98 3.39 14.97 10.81
C LEU A 98 3.32 16.50 10.81
N GLN A 99 2.11 17.03 11.04
CA GLN A 99 1.91 18.45 11.29
C GLN A 99 1.67 18.70 12.79
N GLN A 100 1.89 19.95 13.21
CA GLN A 100 1.73 20.32 14.61
C GLN A 100 0.37 19.87 15.15
N GLY A 101 0.38 19.24 16.32
CA GLY A 101 -0.86 18.75 16.91
C GLY A 101 -1.26 17.34 16.50
N ASP A 102 -0.69 16.83 15.41
CA ASP A 102 -0.98 15.46 14.99
C ASP A 102 -0.65 14.52 16.16
N GLN A 103 -1.48 13.49 16.35
CA GLN A 103 -1.24 12.49 17.40
C GLN A 103 -0.95 11.12 16.79
N VAL A 104 -0.14 10.34 17.50
CA VAL A 104 0.31 9.04 17.01
C VAL A 104 0.24 8.02 18.15
N TRP A 105 -0.31 6.84 17.86
CA TRP A 105 -0.46 5.82 18.90
C TRP A 105 -0.53 4.41 18.33
N VAL A 106 -0.38 3.42 19.22
CA VAL A 106 -0.51 2.02 18.83
C VAL A 106 -1.90 1.52 19.17
N GLU A 107 -2.54 0.86 18.20
CA GLU A 107 -3.84 0.24 18.41
C GLU A 107 -3.82 -1.24 18.09
N LYS A 108 -4.49 -2.03 18.92
CA LYS A 108 -4.62 -3.46 18.70
C LYS A 108 -5.90 -3.83 17.98
N ASP A 109 -5.87 -4.99 17.33
CA ASP A 109 -7.03 -5.63 16.75
C ASP A 109 -7.93 -6.12 17.89
N PRO A 110 -9.20 -5.70 17.89
CA PRO A 110 -10.09 -6.11 18.97
C PRO A 110 -10.27 -7.62 19.02
N LYS A 111 -10.02 -8.31 17.90
CA LYS A 111 -10.13 -9.78 17.87
C LYS A 111 -8.81 -10.51 18.08
N LYS A 112 -7.70 -9.77 17.99
CA LYS A 112 -6.37 -10.32 18.19
C LYS A 112 -5.55 -9.29 18.97
N GLY A 113 -5.66 -9.33 20.29
CA GLY A 113 -5.06 -8.30 21.12
C GLY A 113 -4.45 -8.80 22.41
N HIS A 114 -3.77 -9.95 22.36
CA HIS A 114 -3.06 -10.40 23.55
C HIS A 114 -1.68 -9.77 23.68
N ILE A 115 -1.49 -9.09 24.79
CA ILE A 115 -0.23 -8.45 25.08
C ILE A 115 0.19 -8.96 26.44
N TYR A 116 1.37 -9.55 26.51
CA TYR A 116 1.86 -10.12 27.76
C TYR A 116 1.85 -9.07 28.86
N GLN A 117 1.44 -9.49 30.05
CA GLN A 117 1.49 -8.64 31.22
C GLN A 117 2.27 -9.34 32.32
N GLY A 118 3.41 -8.77 32.70
CA GLY A 118 4.22 -9.34 33.77
C GLY A 118 5.62 -8.76 33.83
N SER A 119 6.48 -9.41 34.59
CA SER A 119 7.81 -8.86 34.86
C SER A 119 8.94 -9.62 34.19
N GLU A 120 8.64 -10.67 33.43
CA GLU A 120 9.69 -11.43 32.76
C GLU A 120 10.31 -10.72 31.56
N ALA A 121 9.52 -9.90 30.88
CA ALA A 121 9.99 -9.29 29.65
C ALA A 121 9.14 -8.08 29.31
N ASP A 122 9.63 -7.27 28.38
CA ASP A 122 9.08 -5.95 28.14
C ASP A 122 8.53 -5.76 26.75
N SER A 123 7.57 -4.86 26.61
CA SER A 123 7.08 -4.39 25.32
C SER A 123 7.37 -2.88 25.25
N VAL A 124 7.78 -2.39 24.08
CA VAL A 124 8.28 -1.02 23.95
C VAL A 124 7.64 -0.29 22.77
N PHE A 125 7.41 1.01 22.97
CA PHE A 125 6.99 1.90 21.89
C PHE A 125 7.94 3.10 21.88
N SER A 126 8.51 3.39 20.72
CA SER A 126 9.48 4.47 20.54
C SER A 126 9.20 5.34 19.32
N GLY A 127 9.71 6.57 19.36
CA GLY A 127 9.54 7.51 18.26
C GLY A 127 10.55 8.63 18.34
N PHE A 128 10.91 9.20 17.20
CA PHE A 128 11.87 10.30 17.19
C PHE A 128 11.77 11.10 15.90
N LEU A 129 12.07 12.39 15.99
CA LEU A 129 12.13 13.24 14.82
C LEU A 129 13.35 12.86 13.99
N ILE A 130 13.17 12.73 12.68
CA ILE A 130 14.28 12.47 11.78
C ILE A 130 14.79 13.82 11.26
N PHE A 131 13.89 14.61 10.71
CA PHE A 131 14.19 15.99 10.37
C PHE A 131 12.92 16.86 10.25
N PRO A 132 13.00 18.11 10.72
CA PRO A 132 11.85 19.02 10.63
C PRO A 132 11.60 19.49 9.20
N SER A 133 10.36 19.86 8.91
CA SER A 133 9.95 20.22 7.56
C SER A 133 9.77 21.72 7.40
N ALA B 1 25.88 15.65 10.43
CA ALA B 1 26.04 17.12 10.63
C ALA B 1 27.47 17.48 11.04
N THR B 2 27.77 17.29 12.33
CA THR B 2 29.12 17.50 12.85
C THR B 2 29.54 16.32 13.73
N GLN B 3 28.83 16.14 14.84
CA GLN B 3 29.00 14.97 16.04
C GLN B 3 28.53 13.62 15.51
N LYS B 4 28.70 12.86 14.22
CA LYS B 4 28.49 11.69 13.38
C LYS B 4 28.83 10.43 14.16
N ILE B 5 27.89 9.95 14.97
CA ILE B 5 28.13 8.79 15.80
C ILE B 5 27.11 7.70 15.49
N ALA B 6 27.60 6.59 14.92
CA ALA B 6 26.74 5.50 14.53
C ALA B 6 27.56 4.23 14.43
N PHE B 7 27.01 3.13 14.93
CA PHE B 7 27.68 1.84 14.82
C PHE B 7 26.68 0.73 14.48
N SER B 8 27.17 -0.26 13.74
CA SER B 8 26.43 -1.47 13.43
C SER B 8 27.48 -2.58 13.43
N ALA B 9 27.24 -3.62 14.21
CA ALA B 9 28.21 -4.68 14.40
C ALA B 9 27.49 -6.03 14.46
N THR B 10 27.97 -7.02 13.73
CA THR B 10 27.37 -8.36 13.76
C THR B 10 28.12 -9.30 14.69
N ARG B 11 27.46 -10.40 15.08
CA ARG B 11 28.10 -11.41 15.91
C ARG B 11 28.47 -12.63 15.05
N THR B 12 29.75 -13.01 15.05
CA THR B 12 30.19 -14.15 14.27
C THR B 12 30.70 -15.33 15.15
N ILE B 13 30.66 -15.14 16.46
CA ILE B 13 31.14 -16.16 17.41
C ILE B 13 30.06 -17.18 17.77
N ASN B 14 30.34 -18.45 17.52
CA ASN B 14 29.38 -19.53 17.80
C ASN B 14 29.60 -20.25 19.12
N VAL B 15 30.12 -19.52 20.10
CA VAL B 15 30.35 -20.05 21.44
C VAL B 15 29.19 -19.67 22.36
N PRO B 16 28.59 -20.68 23.02
CA PRO B 16 27.41 -20.48 23.86
C PRO B 16 27.58 -19.44 24.97
N LEU B 17 26.59 -18.58 25.14
CA LEU B 17 26.63 -17.54 26.15
C LEU B 17 26.23 -18.08 27.52
N ARG B 18 26.83 -17.51 28.56
CA ARG B 18 26.43 -17.81 29.93
C ARG B 18 25.64 -16.64 30.48
N ARG B 19 24.83 -16.88 31.50
CA ARG B 19 24.01 -15.83 32.11
C ARG B 19 24.89 -14.67 32.56
N ASP B 20 24.42 -13.45 32.33
CA ASP B 20 25.12 -12.25 32.78
C ASP B 20 26.34 -11.89 31.93
N GLN B 21 26.63 -12.70 30.93
CA GLN B 21 27.74 -12.41 30.03
C GLN B 21 27.38 -11.29 29.05
N THR B 22 28.32 -10.37 28.84
CA THR B 22 28.16 -9.33 27.84
C THR B 22 28.17 -9.95 26.44
N ILE B 23 27.15 -9.66 25.63
CA ILE B 23 27.09 -10.21 24.27
C ILE B 23 27.96 -9.39 23.31
N ARG B 24 28.98 -10.04 22.78
CA ARG B 24 29.92 -9.39 21.90
C ARG B 24 29.47 -9.46 20.46
N PHE B 25 29.48 -8.33 19.78
CA PHE B 25 29.28 -8.27 18.34
C PHE B 25 30.61 -7.86 17.72
N ASP B 26 31.35 -8.86 17.25
CA ASP B 26 32.76 -8.70 16.95
C ASP B 26 33.07 -8.10 15.58
N HIS B 27 32.11 -8.17 14.66
CA HIS B 27 32.34 -7.70 13.29
C HIS B 27 31.66 -6.38 13.00
N VAL B 28 32.43 -5.29 12.97
CA VAL B 28 31.83 -4.00 12.70
C VAL B 28 31.56 -3.79 11.21
N ILE B 29 30.32 -3.43 10.90
CA ILE B 29 29.96 -3.00 9.56
C ILE B 29 30.18 -1.48 9.52
N THR B 30 29.75 -0.81 10.58
CA THR B 30 29.88 0.64 10.72
C THR B 30 30.28 0.99 12.14
N ASN B 31 31.13 2.00 12.30
CA ASN B 31 31.55 2.45 13.65
C ASN B 31 32.10 3.87 13.61
N MET B 32 31.27 4.80 13.13
CA MET B 32 31.67 6.21 13.04
C MET B 32 31.87 6.86 14.42
N ASN B 33 33.03 7.49 14.60
CA ASN B 33 33.45 8.07 15.88
C ASN B 33 34.05 7.04 16.85
N ASN B 34 34.00 5.77 16.44
CA ASN B 34 34.61 4.68 17.19
C ASN B 34 34.26 4.71 18.67
N ASN B 35 32.95 4.80 18.96
CA ASN B 35 32.46 4.78 20.32
C ASN B 35 31.92 3.39 20.68
N TYR B 36 31.94 2.49 19.69
CA TYR B 36 31.65 1.10 19.92
C TYR B 36 32.93 0.26 19.93
N GLU B 37 33.01 -0.65 20.91
CA GLU B 37 34.18 -1.52 21.05
C GLU B 37 33.81 -2.97 20.75
N PRO B 38 34.26 -3.47 19.59
CA PRO B 38 33.98 -4.81 19.10
C PRO B 38 34.61 -5.88 19.97
N ARG B 39 35.78 -5.57 20.52
CA ARG B 39 36.32 -6.47 21.70
C ARG B 39 35.44 -6.88 23.04
N SER B 40 34.54 -5.97 23.42
CA SER B 40 33.65 -6.22 24.55
C SER B 40 32.20 -6.33 24.12
N GLY B 41 31.81 -5.56 23.10
CA GLY B 41 30.42 -5.48 22.68
C GLY B 41 29.69 -4.29 23.29
N LYS B 42 30.42 -3.44 24.00
CA LYS B 42 29.81 -2.28 24.64
C LYS B 42 29.95 -1.00 23.84
N PHE B 43 28.91 -0.16 23.89
CA PHE B 43 29.02 1.19 23.39
C PHE B 43 29.35 2.06 24.61
N THR B 44 30.18 3.07 24.42
CA THR B 44 30.49 3.97 25.52
C THR B 44 30.34 5.39 25.02
N CYS B 45 29.45 6.14 25.67
CA CYS B 45 29.10 7.49 25.23
C CYS B 45 30.22 8.50 25.45
N LYS B 46 30.55 9.23 24.39
CA LYS B 46 31.48 10.36 24.44
C LYS B 46 30.68 11.64 24.51
N VAL B 47 29.77 11.80 23.57
CA VAL B 47 28.96 13.00 23.44
C VAL B 47 27.61 12.75 24.05
N PRO B 48 27.25 13.52 25.08
CA PRO B 48 25.96 13.35 25.75
C PRO B 48 24.81 13.68 24.81
N GLY B 49 23.71 12.95 24.93
CA GLY B 49 22.55 13.22 24.12
C GLY B 49 21.63 12.04 23.96
N LEU B 50 20.70 12.18 23.01
CA LEU B 50 19.75 11.14 22.69
C LEU B 50 20.31 10.17 21.66
N TYR B 51 20.23 8.88 21.96
CA TYR B 51 20.64 7.82 21.06
C TYR B 51 19.47 6.88 20.84
N TYR B 52 19.47 6.18 19.71
CA TYR B 52 18.54 5.07 19.51
C TYR B 52 19.38 3.82 19.35
N PHE B 53 19.03 2.78 20.10
CA PHE B 53 19.73 1.51 20.06
C PHE B 53 18.79 0.45 19.56
N THR B 54 19.29 -0.44 18.71
CA THR B 54 18.46 -1.50 18.20
C THR B 54 19.25 -2.77 17.87
N TYR B 55 18.60 -3.91 17.95
CA TYR B 55 19.24 -5.16 17.57
C TYR B 55 18.26 -6.07 16.86
N HIS B 56 18.81 -7.00 16.09
CA HIS B 56 18.03 -8.09 15.51
C HIS B 56 18.83 -9.34 15.75
N ALA B 57 18.21 -10.35 16.34
CA ALA B 57 18.98 -11.55 16.67
C ALA B 57 18.31 -12.78 16.11
N SER B 58 19.11 -13.61 15.43
CA SER B 58 18.64 -14.89 14.93
C SER B 58 18.83 -15.90 16.04
N SER B 59 17.97 -16.91 16.08
CA SER B 59 17.98 -17.87 17.18
C SER B 59 17.31 -19.15 16.72
N ARG B 60 17.60 -20.25 17.40
CA ARG B 60 16.98 -21.53 17.06
C ARG B 60 16.30 -22.10 18.29
N GLY B 61 16.11 -21.26 19.30
CA GLY B 61 15.42 -21.67 20.51
C GLY B 61 15.09 -20.45 21.33
N ASN B 62 14.88 -20.64 22.63
CA ASN B 62 14.46 -19.55 23.49
C ASN B 62 15.57 -18.52 23.77
N LEU B 63 15.23 -17.25 23.57
CA LEU B 63 16.20 -16.16 23.76
C LEU B 63 15.62 -15.04 24.62
N CYS B 64 16.32 -14.68 25.69
CA CYS B 64 16.04 -13.46 26.43
C CYS B 64 17.32 -12.64 26.55
N VAL B 65 17.21 -11.34 26.30
CA VAL B 65 18.36 -10.44 26.41
C VAL B 65 18.03 -9.21 27.25
N ASN B 66 18.99 -8.79 28.08
CA ASN B 66 18.87 -7.56 28.86
C ASN B 66 19.58 -6.41 28.18
N LEU B 67 18.89 -5.31 27.98
CA LEU B 67 19.50 -4.07 27.51
C LEU B 67 20.01 -3.34 28.74
N MET B 68 21.33 -3.18 28.82
CA MET B 68 21.97 -2.67 30.02
C MET B 68 22.47 -1.27 29.79
N ARG B 69 22.38 -0.44 30.83
N ARG B 69 22.38 -0.44 30.83
CA ARG B 69 22.89 0.93 30.78
CA ARG B 69 22.90 0.93 30.78
C ARG B 69 23.60 1.27 32.09
C ARG B 69 23.59 1.28 32.08
N GLY B 70 24.73 1.96 31.98
CA GLY B 70 25.44 2.41 33.18
C GLY B 70 26.91 2.69 32.95
N ARG B 71 27.58 3.11 34.01
CA ARG B 71 29.01 3.40 33.94
C ARG B 71 29.81 2.14 34.30
N GLU B 72 30.45 2.13 35.46
N GLU B 72 30.44 2.15 35.47
CA GLU B 72 31.24 0.96 35.86
CA GLU B 72 31.22 1.00 35.92
C GLU B 72 30.34 -0.18 36.33
C GLU B 72 30.30 -0.16 36.24
N ARG B 73 29.18 0.16 36.88
CA ARG B 73 28.17 -0.83 37.22
C ARG B 73 26.91 -0.51 36.44
N ALA B 74 26.38 -1.51 35.73
CA ALA B 74 25.27 -1.28 34.80
C ALA B 74 23.97 -1.82 35.35
N GLN B 75 22.87 -1.19 34.96
CA GLN B 75 21.54 -1.60 35.37
C GLN B 75 20.75 -1.95 34.12
N LYS B 76 19.85 -2.89 34.23
CA LYS B 76 19.06 -3.30 33.06
C LYS B 76 17.91 -2.33 32.83
N VAL B 77 17.79 -1.88 31.58
CA VAL B 77 16.72 -0.99 31.22
C VAL B 77 15.47 -1.82 30.92
N VAL B 78 15.65 -2.86 30.11
CA VAL B 78 14.56 -3.75 29.75
C VAL B 78 15.07 -5.13 29.43
N THR B 79 14.17 -6.11 29.46
CA THR B 79 14.46 -7.46 29.03
C THR B 79 13.52 -7.79 27.88
N PHE B 80 14.07 -8.29 26.77
CA PHE B 80 13.27 -8.76 25.64
C PHE B 80 13.37 -10.27 25.56
N CYS B 81 12.23 -10.96 25.53
CA CYS B 81 12.21 -12.41 25.35
C CYS B 81 11.44 -12.77 24.07
N ASP B 82 12.00 -13.69 23.31
CA ASP B 82 11.33 -14.26 22.14
C ASP B 82 11.64 -15.76 22.11
N TYR B 83 10.59 -16.57 22.20
CA TYR B 83 10.76 -18.01 22.33
C TYR B 83 10.53 -18.70 21.00
N ALA B 84 11.15 -19.87 20.83
CA ALA B 84 10.97 -20.63 19.61
C ALA B 84 11.10 -22.10 19.95
N TYR B 85 9.99 -22.83 19.79
CA TYR B 85 10.20 -24.46 19.98
C TYR B 85 11.30 -25.30 18.98
N ASN B 86 12.42 -25.59 18.33
CA ASN B 86 12.41 -26.40 17.13
C ASN B 86 12.04 -25.60 15.89
N THR B 87 12.64 -24.43 15.75
CA THR B 87 12.37 -23.55 14.62
C THR B 87 13.25 -22.30 14.69
N PHE B 88 13.63 -21.75 13.53
CA PHE B 88 14.46 -20.56 13.48
C PHE B 88 13.62 -19.30 13.55
N GLN B 89 14.09 -18.33 14.33
CA GLN B 89 13.40 -17.07 14.47
C GLN B 89 14.37 -15.90 14.31
N VAL B 90 13.81 -14.73 14.03
CA VAL B 90 14.57 -13.50 14.17
C VAL B 90 13.72 -12.62 15.05
N THR B 91 14.32 -12.14 16.12
CA THR B 91 13.64 -11.22 17.02
C THR B 91 14.33 -9.86 17.08
N THR B 92 13.68 -8.90 17.72
CA THR B 92 14.23 -7.56 17.73
C THR B 92 13.79 -6.76 18.96
N GLY B 93 14.53 -5.70 19.22
CA GLY B 93 14.20 -4.76 20.28
C GLY B 93 14.89 -3.46 19.94
N GLY B 94 14.38 -2.36 20.49
CA GLY B 94 14.99 -1.05 20.34
C GLY B 94 14.67 -0.20 21.56
N MET B 95 15.34 0.94 21.68
CA MET B 95 15.16 1.83 22.80
C MET B 95 15.82 3.16 22.53
N VAL B 96 15.11 4.25 22.82
CA VAL B 96 15.70 5.58 22.82
C VAL B 96 16.18 5.87 24.24
N LEU B 97 17.43 6.33 24.35
CA LEU B 97 18.03 6.63 25.64
C LEU B 97 18.72 7.97 25.59
N LYS B 98 18.57 8.76 26.65
CA LYS B 98 19.38 9.96 26.79
C LYS B 98 20.56 9.69 27.69
N LEU B 99 21.75 9.74 27.10
CA LEU B 99 22.98 9.27 27.74
C LEU B 99 23.92 10.40 28.15
N GLU B 100 24.57 10.22 29.29
N GLU B 100 24.58 10.23 29.29
CA GLU B 100 25.66 11.08 29.74
CA GLU B 100 25.66 11.12 29.69
C GLU B 100 26.99 10.52 29.24
C GLU B 100 27.00 10.53 29.26
N GLN B 101 28.01 11.37 29.15
CA GLN B 101 29.35 10.94 28.78
C GLN B 101 29.86 9.92 29.80
N GLY B 102 30.52 8.87 29.31
CA GLY B 102 30.99 7.80 30.19
C GLY B 102 30.01 6.67 30.36
N GLU B 103 28.74 6.91 30.03
CA GLU B 103 27.75 5.84 30.12
C GLU B 103 27.96 4.79 29.04
N ASN B 104 27.87 3.52 29.42
N ASN B 104 27.90 3.53 29.45
CA ASN B 104 27.97 2.43 28.47
CA ASN B 104 27.96 2.38 28.54
C ASN B 104 26.64 1.72 28.27
C ASN B 104 26.56 1.86 28.20
N VAL B 105 26.44 1.20 27.05
CA VAL B 105 25.21 0.49 26.70
C VAL B 105 25.63 -0.78 25.95
N PHE B 106 24.99 -1.89 26.27
CA PHE B 106 25.36 -3.18 25.71
C PHE B 106 24.25 -4.16 25.96
N LEU B 107 24.32 -5.31 25.29
CA LEU B 107 23.35 -6.36 25.48
C LEU B 107 23.96 -7.45 26.36
N GLN B 108 23.14 -8.04 27.23
CA GLN B 108 23.60 -9.05 28.19
C GLN B 108 22.73 -10.32 28.14
N ALA B 109 23.39 -11.48 28.07
CA ALA B 109 22.71 -12.78 28.00
C ALA B 109 22.05 -13.20 29.31
N THR B 110 21.02 -14.04 29.19
CA THR B 110 20.36 -14.63 30.35
C THR B 110 20.55 -16.14 30.33
N ASP B 111 19.94 -16.84 31.29
CA ASP B 111 19.46 -18.32 31.04
C ASP B 111 19.22 -19.07 29.51
N LYS B 112 18.30 -18.19 29.09
CA LYS B 112 17.73 -18.25 27.74
C LYS B 112 18.68 -17.64 26.70
N ASN B 113 19.57 -18.47 26.17
CA ASN B 113 20.74 -17.99 25.44
C ASN B 113 20.88 -18.47 24.00
N SER B 114 19.79 -18.96 23.42
CA SER B 114 19.86 -19.44 22.03
C SER B 114 20.02 -18.27 21.07
N LEU B 115 21.24 -18.05 20.60
CA LEU B 115 21.53 -16.98 19.65
C LEU B 115 22.54 -17.44 18.61
N LEU B 116 22.20 -17.23 17.34
CA LEU B 116 23.08 -17.57 16.23
C LEU B 116 23.75 -16.32 15.68
N GLY B 117 24.97 -16.50 15.20
CA GLY B 117 25.68 -15.46 14.49
C GLY B 117 26.47 -16.09 13.36
N MET B 118 25.93 -16.02 12.15
CA MET B 118 26.59 -16.65 11.02
C MET B 118 26.02 -16.25 9.67
N GLU B 119 26.67 -16.78 8.63
CA GLU B 119 26.30 -16.53 7.25
C GLU B 119 24.92 -17.13 7.00
N GLY B 120 23.95 -16.26 6.69
CA GLY B 120 22.60 -16.72 6.38
C GLY B 120 21.62 -16.56 7.53
N ALA B 121 22.14 -16.22 8.70
CA ALA B 121 21.31 -15.92 9.85
C ALA B 121 22.12 -15.08 10.83
N ASN B 122 22.20 -13.79 10.55
CA ASN B 122 23.02 -12.87 11.31
C ASN B 122 22.35 -12.40 12.58
N SER B 123 23.15 -11.86 13.50
CA SER B 123 22.65 -11.12 14.63
C SER B 123 23.41 -9.80 14.68
N ILE B 124 22.72 -8.70 14.93
CA ILE B 124 23.32 -7.39 14.76
C ILE B 124 22.88 -6.42 15.84
N PHE B 125 23.79 -5.51 16.20
CA PHE B 125 23.58 -4.53 17.25
C PHE B 125 23.97 -3.18 16.69
N SER B 126 23.05 -2.21 16.73
CA SER B 126 23.29 -0.88 16.20
C SER B 126 22.84 0.21 17.15
N GLY B 127 23.38 1.40 16.98
CA GLY B 127 22.96 2.55 17.73
C GLY B 127 23.45 3.80 17.01
N PHE B 128 22.75 4.91 17.20
CA PHE B 128 23.19 6.17 16.60
C PHE B 128 22.73 7.37 17.39
N LEU B 129 23.47 8.47 17.26
CA LEU B 129 23.08 9.71 17.91
C LEU B 129 21.92 10.35 17.15
N LEU B 130 20.85 10.70 17.88
CA LEU B 130 19.73 11.46 17.34
C LEU B 130 20.00 12.96 17.45
N PHE B 131 20.30 13.40 18.67
CA PHE B 131 20.49 14.81 18.97
C PHE B 131 21.53 14.96 20.08
N PRO B 132 22.58 15.75 19.82
CA PRO B 132 23.59 16.13 20.80
C PRO B 132 23.00 16.98 21.93
N ASP B 133 23.58 16.87 23.12
CA ASP B 133 23.17 17.70 24.26
C ASP B 133 23.61 19.15 24.09
N MET B 134 22.92 20.06 24.57
N LYS C 1 15.71 22.39 3.88
CA LYS C 1 15.43 22.08 2.13
C LYS C 1 15.51 20.40 1.95
N GLN C 2 14.35 20.16 1.34
CA GLN C 2 13.84 18.80 1.16
C GLN C 2 14.82 17.93 0.38
N LYS C 3 15.41 18.50 -0.66
CA LYS C 3 16.36 17.75 -1.48
C LYS C 3 17.73 17.59 -0.85
N PHE C 4 17.92 18.16 0.33
CA PHE C 4 19.16 17.94 1.10
C PHE C 4 18.97 16.87 2.18
N GLN C 5 17.80 16.25 2.18
CA GLN C 5 17.50 15.15 3.11
C GLN C 5 17.20 13.87 2.33
N SER C 6 16.97 12.77 3.05
CA SER C 6 16.57 11.52 2.41
C SER C 6 15.79 10.61 3.36
N VAL C 7 14.61 10.18 2.94
CA VAL C 7 13.74 9.37 3.77
C VAL C 7 12.72 8.65 2.90
N PHE C 8 12.39 7.42 3.25
CA PHE C 8 11.29 6.74 2.58
C PHE C 8 10.72 5.66 3.48
N THR C 9 9.45 5.33 3.25
CA THR C 9 8.82 4.13 3.76
C THR C 9 7.94 3.64 2.63
N VAL C 10 8.26 2.45 2.14
CA VAL C 10 7.51 1.84 1.06
C VAL C 10 6.93 0.53 1.60
N THR C 11 5.92 0.02 0.92
CA THR C 11 5.27 -1.19 1.37
C THR C 11 4.99 -2.09 0.21
N ARG C 12 4.75 -3.36 0.51
CA ARG C 12 4.49 -4.32 -0.55
C ARG C 12 3.01 -4.63 -0.56
N GLN C 13 2.30 -4.06 -1.53
CA GLN C 13 0.87 -4.29 -1.61
C GLN C 13 0.51 -5.24 -2.73
N THR C 14 0.50 -6.51 -2.38
CA THR C 14 0.11 -7.58 -3.28
C THR C 14 -0.02 -8.85 -2.47
N HIS C 15 -0.86 -9.75 -2.96
CA HIS C 15 -1.09 -11.01 -2.25
C HIS C 15 -0.07 -12.07 -2.70
N GLN C 16 0.47 -11.92 -3.90
CA GLN C 16 1.46 -12.88 -4.42
C GLN C 16 2.88 -12.55 -3.92
N PRO C 17 3.60 -13.57 -3.41
CA PRO C 17 4.92 -13.32 -2.83
C PRO C 17 5.99 -13.15 -3.91
N PRO C 18 7.21 -12.75 -3.52
CA PRO C 18 8.26 -12.58 -4.52
C PRO C 18 8.66 -13.92 -5.12
N ALA C 19 9.27 -13.90 -6.29
CA ALA C 19 9.85 -15.11 -6.87
C ALA C 19 11.05 -15.54 -6.03
N PRO C 20 11.37 -16.85 -6.02
CA PRO C 20 12.55 -17.28 -5.24
C PRO C 20 13.82 -16.61 -5.72
N ASN C 21 14.74 -16.34 -4.80
CA ASN C 21 16.04 -15.78 -5.14
C ASN C 21 15.94 -14.53 -6.02
N SER C 22 15.11 -13.59 -5.59
CA SER C 22 14.93 -12.38 -6.39
C SER C 22 14.90 -11.15 -5.50
N LEU C 23 15.16 -9.99 -6.12
CA LEU C 23 14.96 -8.71 -5.48
C LEU C 23 13.49 -8.51 -5.09
N ILE C 24 13.25 -7.97 -3.89
CA ILE C 24 11.91 -7.72 -3.42
C ILE C 24 11.45 -6.32 -3.77
N ARG C 25 10.44 -6.21 -4.63
CA ARG C 25 9.91 -4.89 -4.96
C ARG C 25 8.82 -4.45 -4.00
N PHE C 26 9.00 -3.27 -3.43
CA PHE C 26 7.90 -2.62 -2.70
C PHE C 26 7.25 -1.63 -3.67
N ASN C 27 5.99 -1.89 -4.02
CA ASN C 27 5.30 -1.15 -5.08
C ASN C 27 4.52 0.10 -4.63
N ALA C 28 4.24 0.21 -3.33
CA ALA C 28 3.45 1.31 -2.78
C ALA C 28 4.28 2.19 -1.82
N VAL C 29 4.03 3.49 -1.88
CA VAL C 29 4.76 4.48 -1.10
C VAL C 29 3.90 5.01 0.05
N LEU C 30 4.49 5.04 1.24
CA LEU C 30 3.90 5.79 2.35
C LEU C 30 4.48 7.21 2.36
N THR C 31 5.79 7.30 2.16
CA THR C 31 6.48 8.58 1.98
C THR C 31 7.75 8.33 1.21
N ASN C 32 8.12 9.24 0.32
CA ASN C 32 9.30 9.08 -0.53
C ASN C 32 9.57 10.40 -1.24
N PRO C 33 9.72 11.49 -0.49
CA PRO C 33 9.68 12.85 -1.07
C PRO C 33 10.82 13.13 -2.04
N GLN C 34 11.97 12.52 -1.82
CA GLN C 34 13.10 12.73 -2.73
C GLN C 34 13.15 11.72 -3.87
N GLY C 35 12.27 10.72 -3.83
CA GLY C 35 12.22 9.70 -4.89
C GLY C 35 13.40 8.75 -4.86
N ASP C 36 14.06 8.69 -3.71
CA ASP C 36 15.27 7.89 -3.53
C ASP C 36 15.01 6.40 -3.62
N TYR C 37 13.83 5.96 -3.18
CA TYR C 37 13.39 4.61 -3.50
C TYR C 37 12.58 4.61 -4.80
N ASP C 38 12.92 3.69 -5.69
CA ASP C 38 12.26 3.61 -6.99
C ASP C 38 11.38 2.38 -7.06
N THR C 39 10.07 2.60 -7.06
CA THR C 39 9.12 1.49 -7.04
C THR C 39 9.11 0.65 -8.32
N SER C 40 9.65 1.18 -9.42
CA SER C 40 9.67 0.42 -10.67
C SER C 40 10.87 -0.54 -10.77
N THR C 41 11.97 -0.23 -10.08
CA THR C 41 13.12 -1.11 -10.07
C THR C 41 13.26 -1.88 -8.75
N GLY C 42 12.68 -1.34 -7.68
CA GLY C 42 12.78 -1.96 -6.36
C GLY C 42 14.05 -1.54 -5.64
N LYS C 43 14.72 -0.52 -6.15
CA LYS C 43 16.02 -0.11 -5.61
C LYS C 43 16.02 1.30 -5.02
N PHE C 44 16.69 1.47 -3.89
CA PHE C 44 17.05 2.78 -3.37
C PHE C 44 18.35 3.21 -4.05
N THR C 45 18.42 4.45 -4.51
CA THR C 45 19.69 4.99 -5.03
C THR C 45 20.11 6.23 -4.25
N CYS C 46 21.36 6.25 -3.78
CA CYS C 46 21.83 7.35 -2.97
C CYS C 46 21.98 8.65 -3.76
N LYS C 47 21.22 9.68 -3.37
CA LYS C 47 21.40 11.02 -3.92
C LYS C 47 22.31 11.85 -3.01
N VAL C 48 22.02 11.81 -1.72
CA VAL C 48 22.79 12.56 -0.72
C VAL C 48 23.72 11.64 0.05
N PRO C 49 25.03 11.84 -0.11
CA PRO C 49 26.00 10.97 0.53
C PRO C 49 25.97 11.14 2.04
N GLY C 50 26.30 10.09 2.78
CA GLY C 50 26.33 10.15 4.24
C GLY C 50 25.84 8.86 4.90
N LEU C 51 25.50 8.96 6.17
CA LEU C 51 25.12 7.78 6.97
C LEU C 51 23.61 7.55 6.98
N TYR C 52 23.20 6.35 6.58
CA TYR C 52 21.79 5.99 6.48
C TYR C 52 21.44 4.87 7.44
N TYR C 53 20.19 4.86 7.87
CA TYR C 53 19.63 3.72 8.57
C TYR C 53 18.61 3.08 7.65
N PHE C 54 18.70 1.76 7.48
CA PHE C 54 17.73 0.97 6.75
C PHE C 54 17.15 -0.08 7.68
N VAL C 55 15.84 -0.27 7.61
CA VAL C 55 15.15 -1.24 8.46
C VAL C 55 13.88 -1.72 7.75
N TYR C 56 13.51 -2.98 7.96
CA TYR C 56 12.29 -3.54 7.35
C TYR C 56 11.54 -4.41 8.35
N HIS C 57 10.26 -4.63 8.09
CA HIS C 57 9.41 -5.54 8.88
C HIS C 57 8.51 -6.23 7.89
N ALA C 58 8.70 -7.52 7.72
CA ALA C 58 8.03 -8.25 6.64
C ALA C 58 7.17 -9.37 7.22
N SER C 59 5.89 -9.39 6.85
CA SER C 59 4.97 -10.40 7.34
C SER C 59 5.06 -11.65 6.47
N HIS C 60 4.93 -12.83 7.07
CA HIS C 60 5.01 -14.06 6.32
C HIS C 60 4.28 -15.18 7.04
N THR C 61 3.80 -16.16 6.28
CA THR C 61 3.09 -17.33 6.82
C THR C 61 3.73 -18.65 6.39
N ALA C 62 4.90 -18.55 5.76
CA ALA C 62 5.76 -19.69 5.48
C ALA C 62 7.18 -19.17 5.63
N ASN C 63 8.18 -20.02 5.40
CA ASN C 63 9.58 -19.61 5.60
C ASN C 63 10.00 -18.38 4.76
N LEU C 64 10.72 -17.45 5.40
CA LEU C 64 11.17 -16.21 4.74
C LEU C 64 12.55 -15.81 5.23
N CYS C 65 13.47 -15.64 4.28
CA CYS C 65 14.76 -14.98 4.53
C CYS C 65 14.84 -13.70 3.71
N VAL C 66 15.17 -12.62 4.38
CA VAL C 66 15.37 -11.35 3.72
C VAL C 66 16.85 -11.01 3.76
N LEU C 67 17.37 -10.66 2.58
CA LEU C 67 18.76 -10.29 2.43
C LEU C 67 18.81 -8.82 2.07
N LEU C 68 19.65 -8.06 2.75
CA LEU C 68 19.85 -6.66 2.35
C LEU C 68 21.15 -6.55 1.56
N TYR C 69 21.06 -5.90 0.39
CA TYR C 69 22.19 -5.72 -0.52
C TYR C 69 22.61 -4.26 -0.65
N ARG C 70 23.92 -4.03 -0.67
CA ARG C 70 24.49 -2.71 -0.95
C ARG C 70 25.48 -2.82 -2.12
N SER C 71 25.17 -2.14 -3.21
CA SER C 71 26.02 -2.11 -4.39
C SER C 71 26.51 -3.50 -4.77
N GLY C 72 25.60 -4.48 -4.79
CA GLY C 72 25.91 -5.81 -5.27
C GLY C 72 26.37 -6.80 -4.21
N VAL C 73 26.67 -6.30 -3.01
CA VAL C 73 27.16 -7.16 -1.94
C VAL C 73 26.08 -7.36 -0.88
N LYS C 74 25.87 -8.61 -0.47
CA LYS C 74 24.95 -8.93 0.61
C LYS C 74 25.53 -8.50 1.96
N VAL C 75 24.84 -7.58 2.64
CA VAL C 75 25.31 -7.07 3.91
C VAL C 75 24.79 -7.91 5.08
N VAL C 76 23.47 -8.09 5.16
CA VAL C 76 22.89 -8.89 6.23
C VAL C 76 21.75 -9.80 5.76
N THR C 77 21.63 -10.96 6.41
CA THR C 77 20.51 -11.88 6.18
C THR C 77 19.82 -12.20 7.51
N PHE C 78 18.49 -12.21 7.48
CA PHE C 78 17.70 -12.61 8.64
C PHE C 78 16.55 -13.52 8.18
N CYS C 79 16.37 -14.63 8.89
CA CYS C 79 15.38 -15.62 8.48
C CYS C 79 14.37 -15.90 9.57
N GLY C 80 13.13 -16.15 9.14
CA GLY C 80 12.06 -16.56 10.03
C GLY C 80 11.32 -17.78 9.50
N HIS C 81 11.12 -18.76 10.36
CA HIS C 81 10.44 -19.99 9.96
C HIS C 81 9.10 -20.12 10.64
N THR C 82 8.09 -20.43 9.85
CA THR C 82 6.76 -20.65 10.36
C THR C 82 5.99 -21.51 9.37
N SER C 83 4.86 -22.05 9.83
CA SER C 83 4.01 -22.87 9.00
C SER C 83 2.58 -22.46 9.31
N LYS C 84 1.91 -21.84 8.34
CA LYS C 84 0.64 -21.33 8.32
C LYS C 84 0.15 -20.23 9.31
N THR C 85 0.86 -19.99 10.40
CA THR C 85 0.61 -18.83 11.23
C THR C 85 1.55 -17.69 10.83
N ASN C 86 1.16 -16.47 11.20
CA ASN C 86 1.83 -15.24 10.76
C ASN C 86 2.87 -14.75 11.77
N GLN C 87 4.05 -14.39 11.28
CA GLN C 87 5.06 -13.72 12.09
C GLN C 87 5.68 -12.57 11.31
N VAL C 88 6.43 -11.72 12.01
CA VAL C 88 7.15 -10.61 11.36
C VAL C 88 8.66 -10.86 11.33
N ASN C 89 9.23 -10.86 10.14
CA ASN C 89 10.68 -10.93 10.00
C ASN C 89 11.25 -9.52 9.92
N SER C 90 12.20 -9.22 10.79
CA SER C 90 12.75 -7.88 10.88
C SER C 90 14.27 -7.86 10.74
N GLY C 91 14.80 -6.74 10.28
CA GLY C 91 16.22 -6.61 10.05
C GLY C 91 16.58 -5.17 9.80
N GLY C 92 17.84 -4.81 10.00
CA GLY C 92 18.25 -3.41 9.89
C GLY C 92 19.74 -3.23 10.05
N VAL C 93 20.26 -2.10 9.55
CA VAL C 93 21.70 -1.85 9.55
C VAL C 93 21.99 -0.37 9.22
N LEU C 94 23.08 0.17 9.77
CA LEU C 94 23.54 1.51 9.38
C LEU C 94 24.65 1.40 8.36
N LEU C 95 24.59 2.24 7.33
CA LEU C 95 25.58 2.22 6.25
C LEU C 95 25.94 3.63 5.81
N ARG C 96 27.24 3.90 5.69
CA ARG C 96 27.75 5.16 5.12
C ARG C 96 27.88 5.05 3.59
N LEU C 97 27.03 5.74 2.85
CA LEU C 97 26.92 5.57 1.39
C LEU C 97 27.45 6.74 0.56
N GLN C 98 28.02 6.42 -0.60
CA GLN C 98 28.43 7.43 -1.58
C GLN C 98 27.32 7.63 -2.64
N VAL C 99 27.30 8.80 -3.27
CA VAL C 99 26.35 9.10 -4.34
C VAL C 99 26.32 7.95 -5.35
N GLY C 100 25.12 7.51 -5.73
CA GLY C 100 24.99 6.48 -6.79
C GLY C 100 24.98 5.03 -6.32
N GLU C 101 25.30 4.81 -5.06
CA GLU C 101 25.19 3.49 -4.46
C GLU C 101 23.74 3.04 -4.36
N GLU C 102 23.52 1.77 -4.66
CA GLU C 102 22.20 1.17 -4.63
C GLU C 102 22.02 0.26 -3.41
N VAL C 103 20.84 0.34 -2.79
CA VAL C 103 20.47 -0.55 -1.71
C VAL C 103 19.13 -1.23 -2.01
N TRP C 104 19.03 -2.51 -1.70
CA TRP C 104 17.78 -3.20 -1.91
C TRP C 104 17.69 -4.43 -1.05
N LEU C 105 16.48 -4.99 -0.97
CA LEU C 105 16.22 -6.24 -0.27
C LEU C 105 15.88 -7.35 -1.27
N ALA C 106 16.26 -8.57 -0.92
CA ALA C 106 16.04 -9.74 -1.76
C ALA C 106 15.64 -10.92 -0.88
N VAL C 107 15.10 -11.96 -1.50
CA VAL C 107 14.86 -13.22 -0.80
C VAL C 107 15.73 -14.33 -1.40
N ASN C 108 15.78 -15.46 -0.73
CA ASN C 108 16.48 -16.61 -1.30
C ASN C 108 15.49 -17.70 -1.69
N ASP C 109 15.73 -18.93 -1.26
CA ASP C 109 14.77 -20.01 -1.59
C ASP C 109 13.59 -19.97 -0.62
N TYR C 110 13.79 -19.30 0.52
CA TYR C 110 12.71 -19.03 1.48
C TYR C 110 12.20 -17.62 1.17
N TYR C 111 11.05 -17.54 0.50
CA TYR C 111 10.62 -16.29 -0.15
C TYR C 111 9.23 -15.78 0.23
N ASP C 112 8.56 -16.44 1.17
CA ASP C 112 7.15 -16.14 1.42
C ASP C 112 6.98 -14.76 2.04
N MET C 113 6.11 -13.93 1.44
CA MET C 113 5.74 -12.65 2.05
C MET C 113 4.23 -12.48 2.09
N VAL C 114 3.53 -13.58 2.35
CA VAL C 114 2.08 -13.52 2.38
C VAL C 114 1.58 -13.40 3.81
N GLY C 115 1.33 -12.16 4.23
CA GLY C 115 0.79 -11.91 5.57
C GLY C 115 -0.71 -12.15 5.61
N ILE C 116 -1.21 -12.51 6.78
CA ILE C 116 -2.66 -12.63 6.96
C ILE C 116 -3.27 -11.25 6.78
N GLN C 117 -4.59 -11.19 6.73
CA GLN C 117 -5.29 -9.91 6.75
C GLN C 117 -4.80 -9.07 7.93
N GLY C 118 -4.35 -7.86 7.63
CA GLY C 118 -3.96 -6.92 8.66
C GLY C 118 -2.52 -7.04 9.07
N SER C 119 -1.73 -7.81 8.31
CA SER C 119 -0.30 -7.88 8.58
C SER C 119 0.49 -7.61 7.28
N ASP C 120 1.25 -6.53 7.29
CA ASP C 120 1.86 -5.99 6.07
C ASP C 120 3.38 -6.10 6.09
N SER C 121 4.02 -5.61 5.02
CA SER C 121 5.47 -5.64 4.89
C SER C 121 5.99 -4.26 4.54
N VAL C 122 6.96 -3.79 5.31
CA VAL C 122 7.45 -2.42 5.15
C VAL C 122 8.99 -2.39 5.06
N PHE C 123 9.51 -1.38 4.35
CA PHE C 123 10.95 -1.17 4.21
C PHE C 123 11.18 0.33 4.34
N SER C 124 11.99 0.73 5.32
CA SER C 124 12.32 2.14 5.53
C SER C 124 13.82 2.42 5.52
N GLY C 125 14.17 3.63 5.12
CA GLY C 125 15.53 4.11 5.15
C GLY C 125 15.57 5.61 5.29
N PHE C 126 16.49 6.14 6.08
CA PHE C 126 16.65 7.59 6.20
C PHE C 126 18.09 8.05 6.46
N LEU C 127 18.39 9.25 5.97
CA LEU C 127 19.69 9.87 6.13
C LEU C 127 19.81 10.49 7.51
N LEU C 128 20.81 10.05 8.27
CA LEU C 128 21.07 10.60 9.60
C LEU C 128 22.15 11.69 9.55
N PHE C 129 23.31 11.37 8.98
CA PHE C 129 24.43 12.31 8.93
C PHE C 129 24.92 12.53 7.50
N PRO C 130 24.62 13.69 6.94
CA PRO C 130 25.14 14.07 5.63
C PRO C 130 26.63 14.30 5.63
N ASP C 131 27.28 13.98 4.52
CA ASP C 131 28.52 14.66 4.18
C ASP C 131 28.48 15.09 2.73
N GLN D 1 2.49 11.84 -33.44
CA GLN D 1 2.33 11.62 -31.97
C GLN D 1 1.92 10.18 -31.66
N PRO D 2 2.37 9.66 -30.51
CA PRO D 2 1.99 8.31 -30.09
C PRO D 2 0.51 8.23 -29.73
N ARG D 3 -0.16 7.15 -30.12
CA ARG D 3 -1.57 6.95 -29.82
C ARG D 3 -1.92 5.53 -29.34
N PRO D 4 -1.09 4.96 -28.43
CA PRO D 4 -1.28 3.58 -28.02
C PRO D 4 -2.52 3.39 -27.14
N ALA D 5 -3.45 2.57 -27.62
CA ALA D 5 -4.70 2.31 -26.91
C ALA D 5 -5.27 0.98 -27.37
N PHE D 6 -5.82 0.20 -26.43
CA PHE D 6 -6.41 -1.08 -26.82
C PHE D 6 -7.59 -1.45 -25.95
N SER D 7 -8.43 -2.33 -26.49
CA SER D 7 -9.42 -3.08 -25.71
C SER D 7 -9.50 -4.48 -26.30
N ALA D 8 -9.57 -5.48 -25.45
CA ALA D 8 -9.67 -6.86 -25.92
C ALA D 8 -10.66 -7.60 -25.05
N ILE D 9 -11.36 -8.57 -25.65
CA ILE D 9 -12.36 -9.32 -24.93
C ILE D 9 -12.06 -10.81 -25.03
N ARG D 10 -12.79 -11.61 -24.27
CA ARG D 10 -12.66 -13.06 -24.33
C ARG D 10 -13.71 -13.65 -25.27
N ARG D 11 -13.36 -14.69 -26.01
N ARG D 11 -13.31 -14.67 -26.03
CA ARG D 11 -14.39 -15.45 -26.76
CA ARG D 11 -14.21 -15.43 -26.89
C ARG D 11 -13.92 -16.81 -27.26
C ARG D 11 -13.71 -16.87 -26.96
N ASN D 12 -12.62 -16.97 -27.45
N ASN D 12 -12.64 -17.08 -27.71
CA ASN D 12 -12.04 -18.27 -27.76
CA ASN D 12 -12.02 -18.39 -27.77
C ASN D 12 -10.63 -18.35 -27.21
C ASN D 12 -10.60 -18.36 -27.21
N PRO D 13 -10.46 -18.05 -25.91
CA PRO D 13 -9.13 -17.89 -25.34
C PRO D 13 -8.38 -19.20 -25.17
N PRO D 14 -7.07 -19.18 -25.49
CA PRO D 14 -6.20 -20.25 -25.03
C PRO D 14 -6.21 -20.26 -23.50
N MET D 15 -6.26 -21.46 -22.92
N MET D 15 -6.28 -21.46 -22.92
CA MET D 15 -6.35 -21.59 -21.49
CA MET D 15 -6.35 -21.58 -21.48
C MET D 15 -4.98 -21.81 -20.88
C MET D 15 -4.97 -21.79 -20.87
N GLY D 16 -4.93 -22.51 -19.76
CA GLY D 16 -3.67 -22.82 -19.10
C GLY D 16 -2.93 -21.63 -18.55
N GLY D 17 -2.25 -21.83 -17.43
CA GLY D 17 -1.48 -20.77 -16.82
C GLY D 17 -2.41 -19.77 -16.17
N ASN D 18 -1.81 -18.80 -15.49
CA ASN D 18 -2.58 -17.87 -14.68
C ASN D 18 -2.85 -16.54 -15.36
N VAL D 19 -2.24 -16.33 -16.52
CA VAL D 19 -2.50 -15.16 -17.36
C VAL D 19 -3.81 -15.35 -18.11
N VAL D 20 -4.70 -14.36 -18.00
CA VAL D 20 -5.86 -14.09 -18.58
C VAL D 20 -5.75 -13.45 -19.96
N ILE D 21 -5.88 -14.38 -20.90
CA ILE D 21 -5.74 -14.03 -22.31
C ILE D 21 -7.05 -13.54 -22.89
N PHE D 22 -7.08 -12.28 -23.31
CA PHE D 22 -8.24 -11.75 -24.04
C PHE D 22 -7.96 -11.87 -25.54
N ASP D 23 -8.53 -12.88 -26.17
CA ASP D 23 -8.10 -13.29 -27.52
C ASP D 23 -8.70 -12.47 -28.66
N THR D 24 -9.82 -11.80 -28.40
CA THR D 24 -10.50 -11.06 -29.45
C THR D 24 -10.29 -9.56 -29.28
N VAL D 25 -9.59 -8.95 -30.24
CA VAL D 25 -9.25 -7.53 -30.18
C VAL D 25 -10.38 -6.65 -30.69
N ILE D 26 -10.76 -5.65 -29.89
CA ILE D 26 -11.75 -4.66 -30.30
C ILE D 26 -11.04 -3.42 -30.89
N THR D 27 -10.03 -2.96 -30.18
CA THR D 27 -9.21 -1.84 -30.61
C THR D 27 -7.77 -2.14 -30.23
N ASN D 28 -6.83 -1.64 -31.02
CA ASN D 28 -5.40 -1.93 -30.85
C ASN D 28 -4.57 -0.96 -31.65
N GLN D 29 -4.69 0.33 -31.33
CA GLN D 29 -3.93 1.37 -32.03
C GLN D 29 -2.45 1.29 -31.66
N GLU D 30 -1.60 1.23 -32.69
N GLU D 30 -1.60 1.22 -32.68
CA GLU D 30 -0.16 1.00 -32.54
CA GLU D 30 -0.16 1.00 -32.53
C GLU D 30 0.15 -0.46 -32.29
C GLU D 30 0.14 -0.46 -32.25
N GLU D 31 -0.90 -1.28 -32.17
CA GLU D 31 -0.74 -2.72 -31.91
C GLU D 31 0.11 -3.08 -30.68
N PRO D 32 -0.09 -2.39 -29.54
CA PRO D 32 0.72 -2.76 -28.37
C PRO D 32 0.26 -4.06 -27.71
N TYR D 33 -0.98 -4.46 -27.95
CA TYR D 33 -1.52 -5.64 -27.25
C TYR D 33 -1.44 -6.92 -28.10
N GLN D 34 -0.96 -7.98 -27.46
CA GLN D 34 -0.80 -9.28 -28.13
C GLN D 34 -1.89 -10.24 -27.71
N ASN D 35 -2.80 -10.52 -28.64
CA ASN D 35 -3.99 -11.30 -28.30
C ASN D 35 -3.72 -12.80 -28.13
N HIS D 36 -2.51 -13.24 -28.45
CA HIS D 36 -2.17 -14.64 -28.29
C HIS D 36 -1.68 -14.95 -26.87
N SER D 37 -1.14 -13.95 -26.18
CA SER D 37 -0.52 -14.14 -24.88
C SER D 37 -1.20 -13.31 -23.79
N GLY D 38 -2.06 -12.38 -24.22
CA GLY D 38 -2.75 -11.49 -23.29
C GLY D 38 -1.85 -10.42 -22.66
N ARG D 39 -0.73 -10.12 -23.32
CA ARG D 39 0.22 -9.16 -22.78
C ARG D 39 0.28 -7.88 -23.60
N PHE D 40 0.12 -6.76 -22.91
CA PHE D 40 0.33 -5.44 -23.49
C PHE D 40 1.83 -5.20 -23.44
N VAL D 41 2.38 -4.61 -24.50
CA VAL D 41 3.81 -4.26 -24.53
C VAL D 41 3.96 -2.76 -24.75
N CYS D 42 4.68 -2.11 -23.85
CA CYS D 42 4.92 -0.66 -23.95
C CYS D 42 5.95 -0.30 -25.02
N THR D 43 5.57 0.59 -25.94
CA THR D 43 6.52 1.12 -26.91
C THR D 43 6.89 2.54 -26.54
N VAL D 44 5.88 3.35 -26.26
CA VAL D 44 6.08 4.73 -25.84
C VAL D 44 6.09 4.82 -24.30
N PRO D 45 7.23 5.22 -23.71
CA PRO D 45 7.32 5.29 -22.25
C PRO D 45 6.46 6.44 -21.73
N GLY D 46 5.86 6.26 -20.55
CA GLY D 46 4.94 7.26 -20.03
C GLY D 46 3.92 6.69 -19.07
N TYR D 47 2.89 7.46 -18.80
CA TYR D 47 1.85 7.09 -17.85
C TYR D 47 0.65 6.54 -18.59
N TYR D 48 0.24 5.34 -18.19
CA TYR D 48 -0.79 4.55 -18.84
C TYR D 48 -1.91 4.25 -17.86
N TYR D 49 -3.13 4.14 -18.34
CA TYR D 49 -4.21 3.67 -17.48
C TYR D 49 -4.65 2.31 -17.95
N PHE D 50 -4.79 1.38 -17.00
CA PHE D 50 -5.22 0.02 -17.32
C PHE D 50 -6.46 -0.31 -16.51
N THR D 51 -7.38 -1.05 -17.11
CA THR D 51 -8.59 -1.43 -16.42
C THR D 51 -9.20 -2.70 -16.99
N PHE D 52 -9.90 -3.43 -16.13
CA PHE D 52 -10.61 -4.63 -16.59
C PHE D 52 -12.01 -4.71 -15.98
N GLN D 53 -12.92 -5.36 -16.71
CA GLN D 53 -14.21 -5.73 -16.19
C GLN D 53 -14.42 -7.18 -16.63
N VAL D 54 -14.30 -8.10 -15.68
CA VAL D 54 -14.31 -9.52 -15.99
C VAL D 54 -15.52 -10.21 -15.38
N LEU D 55 -16.14 -11.08 -16.16
CA LEU D 55 -17.39 -11.74 -15.79
C LEU D 55 -17.12 -13.09 -15.14
N SER D 56 -17.74 -13.32 -13.98
CA SER D 56 -17.58 -14.58 -13.25
C SER D 56 -18.93 -15.04 -12.73
N GLN D 57 -19.02 -16.30 -12.34
CA GLN D 57 -20.25 -16.81 -11.72
C GLN D 57 -19.99 -17.42 -10.34
N TRP D 58 -18.72 -17.61 -10.02
CA TRP D 58 -18.35 -18.28 -8.76
C TRP D 58 -17.40 -17.43 -7.93
N GLU D 59 -16.12 -17.76 -7.95
CA GLU D 59 -15.13 -16.93 -7.27
C GLU D 59 -14.00 -16.52 -8.20
N ILE D 60 -13.65 -15.25 -8.20
N ILE D 60 -13.65 -15.25 -8.17
CA ILE D 60 -12.59 -14.74 -9.04
CA ILE D 60 -12.59 -14.74 -9.02
C ILE D 60 -11.78 -13.67 -8.31
C ILE D 60 -11.78 -13.68 -8.30
N CYS D 61 -10.45 -13.80 -8.37
CA CYS D 61 -9.56 -12.79 -7.87
C CYS D 61 -8.57 -12.50 -9.00
N LEU D 62 -8.50 -11.23 -9.39
CA LEU D 62 -7.68 -10.79 -10.51
C LEU D 62 -6.69 -9.71 -10.12
N SER D 63 -5.54 -9.70 -10.80
CA SER D 63 -4.54 -8.68 -10.54
C SER D 63 -3.91 -8.16 -11.83
N ILE D 64 -3.70 -6.85 -11.89
CA ILE D 64 -2.96 -6.29 -13.02
C ILE D 64 -1.47 -6.36 -12.68
N VAL D 65 -0.73 -7.16 -13.45
CA VAL D 65 0.69 -7.38 -13.22
C VAL D 65 1.51 -6.73 -14.33
N SER D 66 2.73 -6.34 -14.01
CA SER D 66 3.63 -5.85 -15.04
C SER D 66 4.98 -6.54 -14.94
N SER D 67 5.82 -6.29 -15.93
CA SER D 67 7.21 -6.73 -15.87
C SER D 67 8.16 -5.66 -16.42
N SER D 68 9.36 -5.61 -15.87
CA SER D 68 10.45 -4.83 -16.46
C SER D 68 11.72 -5.67 -16.48
N ARG D 69 12.34 -5.76 -17.65
CA ARG D 69 13.53 -6.59 -17.85
C ARG D 69 13.25 -8.06 -17.58
N GLY D 70 12.03 -8.50 -17.85
CA GLY D 70 11.64 -9.89 -17.66
C GLY D 70 11.26 -10.24 -16.23
N GLN D 71 11.39 -9.29 -15.32
CA GLN D 71 11.11 -9.51 -13.91
C GLN D 71 9.67 -9.12 -13.56
N VAL D 72 8.99 -9.99 -12.84
CA VAL D 72 7.58 -9.78 -12.56
C VAL D 72 7.37 -8.83 -11.39
N ARG D 73 6.48 -7.86 -11.59
CA ARG D 73 6.15 -6.87 -10.58
C ARG D 73 4.70 -7.07 -10.18
N ARG D 74 4.48 -7.82 -9.10
CA ARG D 74 3.15 -8.13 -8.62
C ARG D 74 2.52 -6.87 -8.04
N SER D 75 1.19 -6.83 -7.96
CA SER D 75 0.47 -5.60 -7.61
C SER D 75 -0.86 -5.86 -6.91
N LEU D 76 -1.76 -4.88 -6.98
CA LEU D 76 -3.04 -4.93 -6.28
C LEU D 76 -3.97 -5.97 -6.92
N GLY D 77 -4.88 -6.48 -6.11
CA GLY D 77 -5.83 -7.46 -6.59
C GLY D 77 -7.27 -7.02 -6.41
N PHE D 78 -8.15 -7.61 -7.21
CA PHE D 78 -9.58 -7.33 -7.14
C PHE D 78 -10.34 -8.64 -7.26
N CYS D 79 -11.32 -8.81 -6.37
CA CYS D 79 -12.04 -10.08 -6.22
C CYS D 79 -13.56 -9.93 -6.17
N ASP D 80 -14.25 -10.93 -6.70
CA ASP D 80 -15.67 -11.14 -6.37
C ASP D 80 -15.87 -12.59 -5.94
N THR D 81 -16.38 -12.79 -4.72
CA THR D 81 -16.52 -14.13 -4.15
C THR D 81 -17.96 -14.48 -3.75
N THR D 82 -18.90 -13.76 -4.35
CA THR D 82 -20.33 -14.00 -4.15
C THR D 82 -20.65 -15.50 -4.22
N ASN D 83 -20.15 -16.16 -5.26
CA ASN D 83 -20.15 -17.63 -5.33
C ASN D 83 -21.57 -18.22 -5.34
N LYS D 84 -22.43 -17.66 -6.18
CA LYS D 84 -23.83 -18.03 -6.23
C LYS D 84 -24.23 -18.54 -7.61
N GLY D 85 -23.27 -18.59 -8.52
CA GLY D 85 -23.57 -19.06 -9.87
C GLY D 85 -24.36 -18.04 -10.67
N LEU D 86 -24.37 -16.79 -10.22
CA LEU D 86 -24.99 -15.70 -10.96
C LEU D 86 -23.87 -14.79 -11.43
N PHE D 87 -24.03 -14.26 -12.64
CA PHE D 87 -23.09 -13.28 -13.20
C PHE D 87 -22.71 -12.17 -12.21
N GLN D 88 -21.41 -11.95 -12.02
CA GLN D 88 -20.91 -10.78 -11.30
C GLN D 88 -19.72 -10.26 -12.07
N VAL D 89 -19.57 -8.94 -12.11
CA VAL D 89 -18.43 -8.33 -12.80
C VAL D 89 -17.42 -7.81 -11.79
N VAL D 90 -16.23 -8.40 -11.80
CA VAL D 90 -15.13 -7.90 -11.00
C VAL D 90 -14.40 -6.84 -11.84
N SER D 91 -14.10 -5.70 -11.23
CA SER D 91 -13.40 -4.64 -11.92
C SER D 91 -12.21 -4.13 -11.13
N GLY D 92 -11.32 -3.43 -11.82
CA GLY D 92 -10.18 -2.80 -11.18
C GLY D 92 -9.42 -2.04 -12.23
N GLY D 93 -8.45 -1.26 -11.79
CA GLY D 93 -7.67 -0.45 -12.73
C GLY D 93 -6.67 0.39 -11.97
N MET D 94 -5.66 0.88 -12.69
CA MET D 94 -4.66 1.74 -12.11
C MET D 94 -3.84 2.45 -13.16
N VAL D 95 -3.21 3.55 -12.75
CA VAL D 95 -2.18 4.18 -13.57
C VAL D 95 -0.84 3.51 -13.35
N LEU D 96 -0.17 3.14 -14.44
CA LEU D 96 1.20 2.59 -14.37
C LEU D 96 2.19 3.41 -15.20
N GLN D 97 3.31 3.81 -14.58
CA GLN D 97 4.37 4.44 -15.35
C GLN D 97 5.24 3.33 -15.93
N LEU D 98 5.32 3.28 -17.25
CA LEU D 98 6.01 2.18 -17.91
C LEU D 98 7.23 2.66 -18.69
N GLN D 99 8.23 1.79 -18.81
CA GLN D 99 9.37 2.05 -19.68
C GLN D 99 9.25 1.18 -20.93
N GLN D 100 10.03 1.53 -21.94
CA GLN D 100 10.06 0.80 -23.21
C GLN D 100 10.25 -0.68 -22.94
N GLY D 101 9.46 -1.50 -23.59
CA GLY D 101 9.58 -2.95 -23.41
C GLY D 101 8.85 -3.55 -22.22
N ASP D 102 8.37 -2.71 -21.29
CA ASP D 102 7.58 -3.24 -20.17
C ASP D 102 6.31 -3.91 -20.70
N GLN D 103 5.90 -4.98 -20.03
CA GLN D 103 4.70 -5.72 -20.40
C GLN D 103 3.70 -5.69 -19.26
N VAL D 104 2.43 -5.72 -19.61
CA VAL D 104 1.36 -5.60 -18.64
C VAL D 104 0.26 -6.58 -18.99
N TRP D 105 -0.19 -7.34 -17.99
CA TRP D 105 -1.23 -8.33 -18.22
C TRP D 105 -2.11 -8.55 -16.99
N VAL D 106 -3.20 -9.29 -17.21
CA VAL D 106 -4.08 -9.67 -16.12
C VAL D 106 -3.84 -11.12 -15.71
N GLU D 107 -3.67 -11.33 -14.42
CA GLU D 107 -3.47 -12.68 -13.89
C GLU D 107 -4.56 -13.04 -12.91
N LYS D 108 -4.98 -14.30 -12.93
CA LYS D 108 -5.96 -14.80 -11.97
C LYS D 108 -5.26 -15.54 -10.84
N ASP D 109 -5.92 -15.59 -9.69
CA ASP D 109 -5.41 -16.37 -8.58
C ASP D 109 -5.72 -17.84 -8.85
N PRO D 110 -4.70 -18.71 -8.76
CA PRO D 110 -4.88 -20.12 -9.09
C PRO D 110 -6.04 -20.79 -8.31
N LYS D 111 -6.34 -20.27 -7.12
CA LYS D 111 -7.43 -20.83 -6.31
C LYS D 111 -8.79 -20.18 -6.56
N LYS D 112 -8.83 -19.16 -7.41
CA LYS D 112 -10.07 -18.29 -7.46
C LYS D 112 -9.93 -17.66 -8.84
N GLY D 113 -10.42 -18.50 -9.75
CA GLY D 113 -10.04 -18.40 -11.14
C GLY D 113 -11.19 -18.54 -12.13
N HIS D 114 -12.41 -18.61 -11.63
CA HIS D 114 -13.54 -18.78 -12.55
C HIS D 114 -13.86 -17.54 -13.39
N ILE D 115 -13.63 -17.67 -14.68
CA ILE D 115 -14.03 -16.63 -15.62
C ILE D 115 -15.06 -17.21 -16.58
N TYR D 116 -16.21 -16.55 -16.68
CA TYR D 116 -17.29 -17.00 -17.54
C TYR D 116 -16.84 -17.33 -18.97
N GLN D 117 -17.32 -18.45 -19.50
CA GLN D 117 -17.12 -18.78 -20.91
C GLN D 117 -18.49 -18.98 -21.55
N GLY D 118 -18.80 -18.16 -22.55
CA GLY D 118 -20.07 -18.26 -23.24
C GLY D 118 -20.32 -17.02 -24.07
N SER D 119 -21.46 -16.97 -24.74
CA SER D 119 -21.73 -15.84 -25.61
C SER D 119 -22.77 -14.85 -25.07
N GLU D 120 -23.23 -15.05 -23.84
CA GLU D 120 -24.26 -14.18 -23.27
C GLU D 120 -23.73 -12.81 -22.85
N ALA D 121 -22.50 -12.78 -22.35
CA ALA D 121 -21.91 -11.54 -21.87
C ALA D 121 -20.41 -11.54 -22.02
N ASP D 122 -19.79 -10.38 -21.83
CA ASP D 122 -18.37 -10.21 -22.15
C ASP D 122 -17.48 -9.86 -20.96
N SER D 123 -16.20 -10.17 -21.11
CA SER D 123 -15.14 -9.68 -20.21
C SER D 123 -14.13 -8.90 -21.05
N VAL D 124 -13.67 -7.77 -20.52
CA VAL D 124 -12.86 -6.81 -21.27
C VAL D 124 -11.61 -6.39 -20.51
N PHE D 125 -10.51 -6.25 -21.24
CA PHE D 125 -9.27 -5.69 -20.72
C PHE D 125 -8.92 -4.50 -21.62
N SER D 126 -8.73 -3.32 -21.02
CA SER D 126 -8.45 -2.10 -21.77
C SER D 126 -7.26 -1.34 -21.19
N GLY D 127 -6.66 -0.49 -22.01
CA GLY D 127 -5.55 0.34 -21.53
C GLY D 127 -5.25 1.43 -22.53
N PHE D 128 -4.70 2.53 -22.06
CA PHE D 128 -4.33 3.65 -22.94
C PHE D 128 -3.23 4.53 -22.38
N LEU D 129 -2.47 5.17 -23.26
CA LEU D 129 -1.46 6.12 -22.82
C LEU D 129 -2.13 7.37 -22.31
N ILE D 130 -1.73 7.82 -21.11
CA ILE D 130 -2.24 9.07 -20.55
C ILE D 130 -1.35 10.22 -21.02
N PHE D 131 -0.07 10.14 -20.68
CA PHE D 131 0.90 11.04 -21.31
C PHE D 131 2.30 10.43 -21.34
N PRO D 132 3.05 10.75 -22.40
CA PRO D 132 4.39 10.18 -22.58
C PRO D 132 5.39 10.90 -21.69
N SER D 133 6.42 10.20 -21.25
CA SER D 133 7.45 10.83 -20.42
C SER D 133 8.78 10.87 -21.18
N THR E 2 -6.41 22.70 -28.41
CA THR E 2 -7.53 22.48 -29.39
C THR E 2 -8.23 21.15 -29.11
N GLN E 3 -7.44 20.11 -28.88
CA GLN E 3 -10.17 19.06 -29.38
C GLN E 3 -10.59 18.63 -27.97
N LYS E 4 -11.01 19.18 -27.16
CA LYS E 4 -11.41 18.85 -25.79
C LYS E 4 -12.83 18.29 -25.82
N ILE E 5 -12.94 16.97 -25.88
CA ILE E 5 -14.24 16.33 -25.98
C ILE E 5 -14.40 15.30 -24.88
N ALA E 6 -15.36 15.54 -23.99
CA ALA E 6 -15.61 14.67 -22.85
C ALA E 6 -17.03 14.88 -22.37
N PHE E 7 -17.67 13.82 -21.89
CA PHE E 7 -19.01 13.95 -21.35
C PHE E 7 -19.21 12.99 -20.19
N SER E 8 -20.02 13.40 -19.21
CA SER E 8 -20.49 12.54 -18.15
C SER E 8 -21.95 12.91 -17.93
N ALA E 9 -22.82 11.91 -17.96
CA ALA E 9 -24.23 12.17 -17.78
C ALA E 9 -24.82 11.11 -16.87
N THR E 10 -25.65 11.51 -15.91
CA THR E 10 -26.33 10.54 -15.05
C THR E 10 -27.77 10.28 -15.51
N ARG E 11 -28.33 9.15 -15.09
CA ARG E 11 -29.73 8.84 -15.39
C ARG E 11 -30.59 9.11 -14.16
N THR E 12 -31.59 9.98 -14.34
CA THR E 12 -32.45 10.38 -13.24
C THR E 12 -33.89 9.95 -13.53
N ILE E 13 -34.04 9.22 -14.64
CA ILE E 13 -35.33 8.73 -15.09
C ILE E 13 -35.72 7.46 -14.35
N ASN E 14 -36.78 7.55 -13.54
CA ASN E 14 -37.08 6.17 -13.07
C ASN E 14 -38.57 5.20 -13.77
N VAL E 15 -38.27 5.19 -15.06
CA VAL E 15 -39.14 4.53 -16.03
C VAL E 15 -38.53 3.21 -16.46
N PRO E 16 -39.28 2.11 -16.28
CA PRO E 16 -38.84 0.78 -16.69
C PRO E 16 -38.42 0.71 -18.16
N LEU E 17 -37.18 0.31 -18.40
CA LEU E 17 -36.68 0.18 -19.76
C LEU E 17 -37.24 -1.06 -20.44
N ARG E 18 -37.50 -0.95 -21.74
CA ARG E 18 -37.91 -2.10 -22.54
C ARG E 18 -36.71 -2.57 -23.35
N ARG E 19 -36.73 -3.82 -23.78
CA ARG E 19 -35.66 -4.39 -24.61
C ARG E 19 -35.39 -3.54 -25.85
N ASP E 20 -34.12 -3.43 -26.22
CA ASP E 20 -33.69 -2.72 -27.43
C ASP E 20 -33.84 -1.20 -27.36
N GLN E 21 -34.27 -0.71 -26.20
CA GLN E 21 -34.43 0.73 -25.97
C GLN E 21 -33.09 1.38 -25.62
N THR E 22 -32.79 2.51 -26.25
CA THR E 22 -31.60 3.29 -25.91
C THR E 22 -31.75 3.81 -24.49
N ILE E 23 -30.69 3.68 -23.69
CA ILE E 23 -30.72 4.15 -22.31
C ILE E 23 -30.33 5.61 -22.22
N ARG E 24 -31.31 6.45 -21.86
CA ARG E 24 -31.08 7.87 -21.76
C ARG E 24 -30.43 8.21 -20.42
N PHE E 25 -29.34 8.95 -20.47
CA PHE E 25 -28.78 9.59 -19.28
C PHE E 25 -29.03 11.09 -19.42
N ASP E 26 -30.09 11.55 -18.78
CA ASP E 26 -30.70 12.85 -19.09
C ASP E 26 -30.01 14.07 -18.47
N HIS E 27 -29.17 13.84 -17.47
CA HIS E 27 -28.58 14.91 -16.68
C HIS E 27 -27.07 15.03 -16.92
N VAL E 28 -26.67 16.06 -17.66
CA VAL E 28 -25.26 16.22 -17.95
C VAL E 28 -24.48 16.87 -16.80
N ILE E 29 -23.40 16.20 -16.42
CA ILE E 29 -22.46 16.75 -15.46
C ILE E 29 -21.39 17.50 -16.24
N THR E 30 -20.93 16.89 -17.33
CA THR E 30 -19.96 17.49 -18.24
C THR E 30 -20.31 17.11 -19.69
N ASN E 31 -20.05 18.01 -20.63
CA ASN E 31 -20.36 17.79 -22.04
C ASN E 31 -19.56 18.77 -22.90
N MET E 32 -18.23 18.74 -22.76
CA MET E 32 -17.34 19.60 -23.53
C MET E 32 -17.38 19.24 -25.02
N ASN E 33 -17.61 20.24 -25.86
CA ASN E 33 -17.79 20.08 -27.31
C ASN E 33 -19.23 19.69 -27.68
N ASN E 34 -20.06 19.44 -26.67
CA ASN E 34 -21.47 19.12 -26.84
C ASN E 34 -21.71 18.06 -27.92
N ASN E 35 -21.00 16.94 -27.81
CA ASN E 35 -21.16 15.83 -28.74
C ASN E 35 -22.02 14.69 -28.18
N TYR E 36 -22.39 14.81 -26.91
CA TYR E 36 -23.36 13.91 -26.31
C TYR E 36 -24.74 14.57 -26.27
N GLU E 37 -25.77 13.78 -26.55
CA GLU E 37 -27.15 14.29 -26.57
C GLU E 37 -27.99 13.64 -25.48
N PRO E 38 -28.25 14.41 -24.40
CA PRO E 38 -28.94 13.90 -23.23
C PRO E 38 -30.41 13.60 -23.50
N ARG E 39 -30.94 14.09 -24.62
CA ARG E 39 -32.32 13.81 -24.99
C ARG E 39 -32.49 12.42 -25.60
N SER E 40 -31.38 11.80 -26.02
CA SER E 40 -31.42 10.44 -26.57
C SER E 40 -30.59 9.46 -25.75
N GLY E 41 -29.47 9.95 -25.20
CA GLY E 41 -28.52 9.07 -24.51
C GLY E 41 -27.40 8.66 -25.44
N LYS E 42 -27.30 9.33 -26.58
CA LYS E 42 -26.33 8.96 -27.61
C LYS E 42 -25.17 9.95 -27.70
N PHE E 43 -23.97 9.41 -27.85
CA PHE E 43 -22.82 10.20 -28.20
C PHE E 43 -22.65 10.07 -29.71
N THR E 44 -22.34 11.17 -30.39
CA THR E 44 -22.09 11.12 -31.83
C THR E 44 -20.77 11.80 -32.16
N CYS E 45 -19.92 11.08 -32.87
CA CYS E 45 -18.56 11.55 -33.21
C CYS E 45 -18.56 12.67 -34.26
N LYS E 46 -17.83 13.75 -33.95
CA LYS E 46 -17.57 14.86 -34.85
C LYS E 46 -16.12 14.75 -35.31
N VAL E 47 -15.27 14.40 -34.37
CA VAL E 47 -13.84 14.33 -34.61
C VAL E 47 -13.40 12.88 -34.58
N PRO E 48 -13.06 12.31 -35.76
CA PRO E 48 -12.63 10.92 -35.80
C PRO E 48 -11.46 10.70 -34.86
N GLY E 49 -11.41 9.53 -34.25
CA GLY E 49 -10.29 9.21 -33.38
C GLY E 49 -10.59 8.15 -32.35
N LEU E 50 -9.68 8.03 -31.40
CA LEU E 50 -9.78 7.03 -30.35
C LEU E 50 -10.48 7.60 -29.13
N TYR E 51 -11.50 6.90 -28.65
CA TYR E 51 -12.28 7.34 -27.49
C TYR E 51 -12.31 6.26 -26.43
N TYR E 52 -12.46 6.66 -25.17
CA TYR E 52 -12.77 5.71 -24.11
C TYR E 52 -14.17 6.00 -23.61
N PHE E 53 -14.98 4.94 -23.51
CA PHE E 53 -16.33 5.01 -22.98
C PHE E 53 -16.47 4.10 -21.76
N THR E 54 -17.27 4.55 -20.81
CA THR E 54 -17.40 3.84 -19.54
C THR E 54 -18.73 4.18 -18.86
N TYR E 55 -19.27 3.24 -18.09
CA TYR E 55 -20.48 3.49 -17.32
C TYR E 55 -20.42 2.78 -15.98
N HIS E 56 -21.13 3.33 -15.00
CA HIS E 56 -21.37 2.67 -13.74
C HIS E 56 -22.88 2.69 -13.53
N ALA E 57 -23.48 1.52 -13.34
CA ALA E 57 -24.91 1.47 -13.16
C ALA E 57 -25.27 0.86 -11.82
N SER E 58 -26.14 1.56 -11.10
CA SER E 58 -26.74 1.02 -9.87
C SER E 58 -27.92 0.12 -10.24
N SER E 59 -28.13 -0.93 -9.46
CA SER E 59 -29.18 -1.90 -9.78
C SER E 59 -29.67 -2.64 -8.54
N ARG E 60 -30.90 -3.13 -8.60
CA ARG E 60 -31.49 -3.89 -7.51
C ARG E 60 -31.90 -5.28 -8.01
N GLY E 61 -31.53 -5.58 -9.26
CA GLY E 61 -31.79 -6.90 -9.83
C GLY E 61 -30.84 -7.23 -10.98
N ASN E 62 -31.28 -8.12 -11.86
CA ASN E 62 -30.47 -8.53 -13.00
C ASN E 62 -30.43 -7.45 -14.08
N LEU E 63 -29.23 -7.15 -14.56
CA LEU E 63 -29.04 -6.12 -15.58
C LEU E 63 -28.03 -6.56 -16.64
N CYS E 64 -28.42 -6.40 -17.91
CA CYS E 64 -27.51 -6.62 -19.03
C CYS E 64 -27.57 -5.41 -19.94
N VAL E 65 -26.41 -4.85 -20.26
CA VAL E 65 -26.35 -3.70 -21.16
C VAL E 65 -25.56 -3.99 -22.43
N ASN E 66 -26.08 -3.57 -23.58
CA ASN E 66 -25.36 -3.62 -24.84
C ASN E 66 -24.66 -2.30 -25.12
N LEU E 67 -23.36 -2.37 -25.40
CA LEU E 67 -22.62 -1.22 -25.87
C LEU E 67 -22.75 -1.20 -27.39
N MET E 68 -23.38 -0.15 -27.91
CA MET E 68 -23.69 -0.04 -29.32
C MET E 68 -22.80 0.98 -30.00
N ARG E 69 -22.24 0.60 -31.15
CA ARG E 69 -21.52 1.52 -32.02
C ARG E 69 -22.07 1.43 -33.43
N GLY E 70 -22.08 2.56 -34.15
CA GLY E 70 -22.56 2.58 -35.52
C GLY E 70 -23.25 3.89 -35.88
N ARG E 71 -23.74 3.99 -37.11
CA ARG E 71 -24.49 5.16 -37.51
C ARG E 71 -25.97 4.86 -37.48
N GLU E 72 -26.58 4.84 -38.66
CA GLU E 72 -27.99 4.55 -38.82
C GLU E 72 -28.41 3.28 -38.08
N ARG E 73 -27.75 2.18 -38.43
CA ARG E 73 -28.05 0.88 -37.82
C ARG E 73 -26.87 0.44 -36.98
N ALA E 74 -26.88 0.85 -35.71
CA ALA E 74 -25.78 0.57 -34.80
C ALA E 74 -25.68 -0.92 -34.50
N GLN E 75 -24.46 -1.40 -34.40
CA GLN E 75 -24.20 -2.80 -34.07
C GLN E 75 -23.59 -2.89 -32.67
N LYS E 76 -23.89 -3.99 -31.97
CA LYS E 76 -23.35 -4.15 -30.63
C LYS E 76 -21.86 -4.49 -30.65
N VAL E 77 -21.15 -3.92 -29.68
CA VAL E 77 -19.73 -4.20 -29.53
C VAL E 77 -19.60 -5.31 -28.50
N VAL E 78 -20.17 -5.08 -27.32
CA VAL E 78 -20.17 -6.08 -26.25
C VAL E 78 -21.46 -6.03 -25.44
N THR E 79 -21.70 -7.09 -24.69
CA THR E 79 -22.81 -7.12 -23.75
C THR E 79 -22.24 -7.34 -22.36
N PHE E 80 -22.59 -6.46 -21.41
CA PHE E 80 -22.22 -6.64 -20.01
C PHE E 80 -23.44 -7.06 -19.18
N CYS E 81 -23.31 -8.17 -18.46
CA CYS E 81 -24.35 -8.61 -17.52
C CYS E 81 -23.80 -8.69 -16.10
N ASP E 82 -24.59 -8.21 -15.14
CA ASP E 82 -24.26 -8.34 -13.74
C ASP E 82 -25.56 -8.60 -13.01
N TYR E 83 -25.63 -9.75 -12.33
CA TYR E 83 -26.87 -10.21 -11.72
C TYR E 83 -26.92 -9.95 -10.22
N ALA E 84 -28.12 -9.66 -9.74
CA ALA E 84 -28.32 -9.42 -8.32
C ALA E 84 -29.63 -10.07 -7.89
N TYR E 85 -29.56 -10.84 -6.82
CA TYR E 85 -30.73 -11.55 -6.29
C TYR E 85 -31.07 -11.04 -4.88
N ASN E 86 -32.02 -10.12 -4.80
CA ASN E 86 -32.47 -9.57 -3.52
C ASN E 86 -31.41 -8.73 -2.81
N THR E 87 -30.82 -7.76 -3.53
CA THR E 87 -29.73 -6.95 -3.02
C THR E 87 -29.45 -5.75 -3.93
N PHE E 88 -28.70 -4.76 -3.45
CA PHE E 88 -28.30 -3.61 -4.28
C PHE E 88 -26.88 -3.79 -4.81
N GLN E 89 -26.67 -3.42 -6.08
CA GLN E 89 -25.35 -3.57 -6.69
C GLN E 89 -24.92 -2.34 -7.49
N VAL E 90 -23.63 -2.25 -7.75
CA VAL E 90 -23.12 -1.34 -8.77
C VAL E 90 -22.24 -2.16 -9.72
N THR E 91 -22.56 -2.08 -11.00
CA THR E 91 -21.77 -2.74 -12.02
C THR E 91 -21.12 -1.72 -12.95
N THR E 92 -20.20 -2.19 -13.78
CA THR E 92 -19.42 -1.29 -14.61
C THR E 92 -18.91 -1.92 -15.89
N GLY E 93 -18.71 -1.10 -16.90
CA GLY E 93 -18.14 -1.53 -18.17
C GLY E 93 -17.34 -0.40 -18.77
N GLY E 94 -16.42 -0.75 -19.64
CA GLY E 94 -15.57 0.22 -20.33
C GLY E 94 -15.13 -0.32 -21.67
N MET E 95 -14.73 0.58 -22.57
CA MET E 95 -14.26 0.18 -23.89
C MET E 95 -13.54 1.33 -24.60
N VAL E 96 -12.36 1.01 -25.14
CA VAL E 96 -11.67 1.90 -26.06
C VAL E 96 -12.22 1.61 -27.46
N LEU E 97 -12.72 2.64 -28.13
CA LEU E 97 -13.23 2.50 -29.50
C LEU E 97 -12.57 3.50 -30.47
N LYS E 98 -12.27 3.02 -31.66
CA LYS E 98 -11.89 3.87 -32.79
C LYS E 98 -13.19 4.33 -33.46
N LEU E 99 -13.39 5.64 -33.57
CA LEU E 99 -14.63 6.19 -34.12
C LEU E 99 -14.41 7.00 -35.39
N GLU E 100 -15.37 6.91 -36.32
CA GLU E 100 -15.38 7.75 -37.51
C GLU E 100 -16.47 8.83 -37.39
N GLN E 101 -16.38 9.85 -38.25
CA GLN E 101 -17.34 10.94 -38.22
C GLN E 101 -18.77 10.44 -38.44
N GLY E 102 -19.70 10.94 -37.63
CA GLY E 102 -21.09 10.53 -37.68
C GLY E 102 -21.45 9.27 -36.91
N GLU E 103 -20.45 8.49 -36.48
CA GLU E 103 -20.71 7.25 -35.74
C GLU E 103 -21.23 7.52 -34.33
N ASN E 104 -22.35 6.88 -33.96
CA ASN E 104 -22.91 7.01 -32.62
C ASN E 104 -22.33 5.94 -31.68
N VAL E 105 -22.29 6.26 -30.40
CA VAL E 105 -21.99 5.27 -29.38
C VAL E 105 -23.00 5.44 -28.27
N PHE E 106 -23.54 4.34 -27.78
CA PHE E 106 -24.56 4.44 -26.76
C PHE E 106 -24.83 3.11 -26.07
N LEU E 107 -25.65 3.15 -25.02
CA LEU E 107 -26.02 1.96 -24.27
C LEU E 107 -27.45 1.59 -24.61
N GLN E 108 -27.72 0.29 -24.68
CA GLN E 108 -29.02 -0.23 -25.10
C GLN E 108 -29.55 -1.31 -24.13
N ALA E 109 -30.82 -1.18 -23.77
CA ALA E 109 -31.43 -2.08 -22.79
C ALA E 109 -31.75 -3.45 -23.36
N THR E 110 -31.92 -4.43 -22.48
CA THR E 110 -32.25 -5.81 -22.82
C THR E 110 -33.42 -6.30 -21.97
N ASP E 111 -33.67 -7.60 -22.00
CA ASP E 111 -34.68 -8.24 -21.14
C ASP E 111 -34.35 -8.08 -19.65
N LYS E 112 -33.07 -8.01 -19.34
CA LYS E 112 -32.60 -7.77 -17.97
C LYS E 112 -32.37 -6.27 -17.80
N ASN E 113 -33.33 -5.59 -17.19
CA ASN E 113 -33.38 -4.14 -17.25
C ASN E 113 -33.43 -3.44 -15.90
N SER E 114 -32.98 -4.11 -14.85
CA SER E 114 -32.98 -3.51 -13.52
C SER E 114 -31.91 -2.43 -13.37
N LEU E 115 -32.34 -1.17 -13.44
CA LEU E 115 -31.42 -0.05 -13.47
C LEU E 115 -32.00 1.13 -12.71
N LEU E 116 -31.30 1.58 -11.66
CA LEU E 116 -31.77 2.71 -10.86
C LEU E 116 -31.02 3.97 -11.22
N GLY E 117 -31.72 5.10 -11.20
CA GLY E 117 -31.09 6.39 -11.39
C GLY E 117 -31.60 7.40 -10.38
N MET E 118 -30.83 7.65 -9.34
CA MET E 118 -31.26 8.54 -8.28
C MET E 118 -30.11 9.02 -7.41
N GLU E 119 -30.30 10.15 -6.74
CA GLU E 119 -29.54 10.49 -5.56
C GLU E 119 -28.65 9.71 -4.65
N GLY E 120 -27.57 9.02 -4.32
CA GLY E 120 -27.64 7.90 -3.38
C GLY E 120 -27.46 6.57 -4.09
N ALA E 121 -27.79 6.56 -5.37
CA ALA E 121 -27.62 5.37 -6.20
C ALA E 121 -27.62 5.77 -7.67
N ASN E 122 -26.55 6.41 -8.11
CA ASN E 122 -26.50 6.97 -9.44
C ASN E 122 -26.19 5.93 -10.49
N SER E 123 -26.61 6.21 -11.72
CA SER E 123 -26.12 5.49 -12.89
C SER E 123 -25.51 6.51 -13.85
N ILE E 124 -24.33 6.23 -14.35
CA ILE E 124 -23.60 7.22 -15.11
C ILE E 124 -22.97 6.68 -16.38
N PHE E 125 -22.88 7.54 -17.39
CA PHE E 125 -22.34 7.17 -18.68
C PHE E 125 -21.37 8.27 -19.07
N SER E 126 -20.16 7.90 -19.46
CA SER E 126 -19.10 8.89 -19.71
C SER E 126 -18.27 8.45 -20.89
N GLY E 127 -17.60 9.42 -21.51
CA GLY E 127 -16.74 9.12 -22.65
C GLY E 127 -15.84 10.29 -22.94
N PHE E 128 -14.63 10.02 -23.39
CA PHE E 128 -13.71 11.08 -23.78
C PHE E 128 -12.79 10.72 -24.94
N LEU E 129 -12.36 11.74 -25.67
CA LEU E 129 -11.38 11.58 -26.72
C LEU E 129 -9.99 11.33 -26.14
N LEU E 130 -9.32 10.30 -26.63
CA LEU E 130 -7.94 10.01 -26.26
C LEU E 130 -6.96 10.62 -27.25
N PHE E 131 -7.16 10.29 -28.53
CA PHE E 131 -6.30 10.76 -29.61
C PHE E 131 -7.15 10.98 -30.85
N PRO E 132 -7.09 12.18 -31.43
CA PRO E 132 -7.77 12.53 -32.67
C PRO E 132 -6.99 12.02 -33.88
N ASP E 133 -7.70 11.59 -34.92
CA ASP E 133 -7.06 11.18 -36.17
C ASP E 133 -6.36 12.36 -36.85
N MET E 134 -5.17 12.29 -37.14
N LYS F 3 5.37 19.68 -12.98
CA LYS F 3 4.88 19.14 -14.28
C LYS F 3 3.65 19.92 -14.75
N PHE F 4 3.36 19.80 -16.04
CA PHE F 4 2.18 20.42 -16.63
C PHE F 4 1.11 19.35 -16.87
N GLN F 5 1.26 18.24 -16.16
CA GLN F 5 0.32 17.15 -16.19
C GLN F 5 -0.18 16.85 -14.78
N SER F 6 -1.09 15.89 -14.67
CA SER F 6 -1.56 15.58 -13.35
C SER F 6 -2.17 14.21 -13.29
N VAL F 7 -1.59 13.33 -12.47
CA VAL F 7 -1.99 11.93 -12.42
C VAL F 7 -1.68 11.34 -11.03
N PHE F 8 -2.56 10.48 -10.54
CA PHE F 8 -2.27 9.71 -9.34
C PHE F 8 -3.02 8.39 -9.36
N THR F 9 -2.46 7.39 -8.67
CA THR F 9 -3.22 6.23 -8.22
C THR F 9 -2.81 5.94 -6.81
N VAL F 10 -3.78 5.96 -5.89
CA VAL F 10 -3.51 5.74 -4.48
C VAL F 10 -4.38 4.57 -4.01
N THR F 11 -4.00 3.99 -2.88
CA THR F 11 -4.66 2.81 -2.37
C THR F 11 -4.82 2.93 -0.89
N ARG F 12 -5.79 2.21 -0.35
CA ARG F 12 -5.98 2.20 1.07
C ARG F 12 -5.29 1.00 1.68
N GLN F 13 -4.18 1.23 2.36
CA GLN F 13 -3.46 0.11 2.98
C GLN F 13 -3.71 -0.01 4.48
N THR F 14 -4.78 -0.72 4.81
CA THR F 14 -5.20 -0.89 6.19
C THR F 14 -6.34 -1.92 6.23
N HIS F 15 -6.50 -2.57 7.37
CA HIS F 15 -7.51 -3.60 7.52
C HIS F 15 -8.75 -3.03 8.23
N GLN F 16 -8.57 -1.96 8.98
CA GLN F 16 -9.70 -1.18 9.60
C GLN F 16 -10.45 -0.33 8.27
N PRO F 17 -11.79 -0.28 8.40
CA PRO F 17 -12.57 0.47 7.44
C PRO F 17 -12.65 1.94 7.86
N PRO F 18 -13.12 2.80 6.95
CA PRO F 18 -13.28 4.20 7.34
C PRO F 18 -14.32 4.34 8.44
N ALA F 19 -14.31 5.47 9.13
CA ALA F 19 -15.39 5.86 10.01
C ALA F 19 -16.65 6.19 9.18
N PRO F 20 -17.83 5.86 9.73
CA PRO F 20 -19.09 6.18 9.03
C PRO F 20 -19.18 7.67 8.74
N ASN F 21 -19.76 8.02 7.60
CA ASN F 21 -19.92 9.42 7.23
C ASN F 21 -18.62 10.24 7.31
N SER F 22 -17.54 9.69 6.75
CA SER F 22 -16.26 10.37 6.79
C SER F 22 -15.58 10.34 5.44
N LEU F 23 -14.62 11.25 5.27
CA LEU F 23 -13.74 11.23 4.12
C LEU F 23 -12.87 9.97 4.13
N ILE F 24 -12.74 9.33 2.98
CA ILE F 24 -11.88 8.15 2.85
C ILE F 24 -10.44 8.50 2.51
N ARG F 25 -9.53 8.21 3.44
N ARG F 25 -9.52 8.17 3.43
CA ARG F 25 -8.11 8.41 3.19
CA ARG F 25 -8.11 8.42 3.21
C ARG F 25 -7.47 7.22 2.49
C ARG F 25 -7.39 7.24 2.55
N PHE F 26 -6.72 7.51 1.44
CA PHE F 26 -5.89 6.52 0.78
C PHE F 26 -4.44 6.85 1.15
N ASN F 27 -3.87 6.05 2.04
CA ASN F 27 -2.58 6.36 2.64
C ASN F 27 -1.35 5.94 1.81
N ALA F 28 -1.55 5.03 0.86
CA ALA F 28 -0.45 4.46 0.10
C ALA F 28 -0.52 4.91 -1.36
N VAL F 29 0.65 5.20 -1.94
CA VAL F 29 0.75 5.77 -3.26
C VAL F 29 1.36 4.76 -4.21
N LEU F 30 0.68 4.50 -5.34
CA LEU F 30 1.31 3.76 -6.40
C LEU F 30 2.04 4.71 -7.35
N THR F 31 1.36 5.81 -7.71
CA THR F 31 2.01 6.91 -8.42
C THR F 31 1.30 8.21 -8.04
N ASN F 32 2.07 9.29 -7.97
CA ASN F 32 1.55 10.58 -7.56
C ASN F 32 2.63 11.64 -7.76
N PRO F 33 3.12 11.79 -9.01
CA PRO F 33 4.37 12.52 -9.21
C PRO F 33 4.26 14.02 -9.00
N GLN F 34 3.04 14.57 -9.11
CA GLN F 34 2.85 16.00 -8.87
C GLN F 34 2.46 16.31 -7.43
N GLY F 35 2.17 15.27 -6.66
CA GLY F 35 1.74 15.43 -5.28
C GLY F 35 0.33 16.01 -5.18
N ASP F 36 -0.43 15.88 -6.27
CA ASP F 36 -1.80 16.40 -6.32
C ASP F 36 -2.77 15.69 -5.36
N TYR F 37 -2.57 14.39 -5.14
CA TYR F 37 -3.29 13.74 -4.04
C TYR F 37 -2.47 13.79 -2.75
N ASP F 38 -3.05 14.37 -1.70
CA ASP F 38 -2.35 14.52 -0.42
C ASP F 38 -2.77 13.40 0.54
N THR F 39 -1.87 12.45 0.79
CA THR F 39 -2.18 11.32 1.66
C THR F 39 -2.40 11.71 3.12
N SER F 40 -1.93 12.88 3.51
CA SER F 40 -2.13 13.32 4.89
C SER F 40 -3.55 13.85 5.17
N THR F 41 -4.21 14.37 4.13
CA THR F 41 -5.55 14.93 4.27
C THR F 41 -6.61 14.09 3.55
N GLY F 42 -6.16 13.27 2.60
CA GLY F 42 -7.07 12.44 1.81
C GLY F 42 -7.73 13.18 0.66
N LYS F 43 -7.16 14.33 0.30
CA LYS F 43 -7.78 15.14 -0.74
C LYS F 43 -6.88 15.38 -1.96
N PHE F 44 -7.48 15.30 -3.15
CA PHE F 44 -6.86 15.80 -4.36
C PHE F 44 -7.05 17.31 -4.41
N THR F 45 -5.99 18.04 -4.73
CA THR F 45 -6.13 19.47 -4.99
C THR F 45 -5.60 19.84 -6.38
N CYS F 46 -6.44 20.52 -7.15
CA CYS F 46 -6.09 20.87 -8.51
C CYS F 46 -4.97 21.91 -8.56
N LYS F 47 -3.86 21.57 -9.22
CA LYS F 47 -2.77 22.52 -9.50
C LYS F 47 -2.89 23.04 -10.92
N VAL F 48 -3.20 22.13 -11.84
CA VAL F 48 -3.35 22.49 -13.26
C VAL F 48 -4.82 22.39 -13.65
N PRO F 49 -5.41 23.52 -14.05
CA PRO F 49 -6.82 23.50 -14.36
C PRO F 49 -7.09 22.74 -15.66
N GLY F 50 -8.28 22.16 -15.77
CA GLY F 50 -8.68 21.44 -16.99
C GLY F 50 -9.63 20.29 -16.72
N LEU F 51 -9.78 19.41 -17.72
CA LEU F 51 -10.68 18.29 -17.61
C LEU F 51 -9.99 17.07 -17.05
N TYR F 52 -10.59 16.51 -16.00
CA TYR F 52 -10.03 15.39 -15.27
C TYR F 52 -10.97 14.19 -15.30
N TYR F 53 -10.40 12.99 -15.28
CA TYR F 53 -11.17 11.79 -15.01
C TYR F 53 -10.79 11.24 -13.62
N PHE F 54 -11.81 10.97 -12.81
CA PHE F 54 -11.64 10.33 -11.52
C PHE F 54 -12.38 9.00 -11.52
N VAL F 55 -11.77 7.98 -10.96
CA VAL F 55 -12.35 6.66 -10.94
C VAL F 55 -11.81 5.91 -9.73
N TYR F 56 -12.63 5.06 -9.11
CA TYR F 56 -12.18 4.25 -7.99
C TYR F 56 -12.75 2.86 -8.10
N HIS F 57 -12.08 1.92 -7.43
CA HIS F 57 -12.49 0.53 -7.34
C HIS F 57 -12.26 0.13 -5.88
N ALA F 58 -13.33 -0.06 -5.13
CA ALA F 58 -13.23 -0.29 -3.70
C ALA F 58 -13.82 -1.64 -3.28
N SER F 59 -12.98 -2.48 -2.67
CA SER F 59 -13.40 -3.79 -2.17
C SER F 59 -14.07 -3.71 -0.79
N HIS F 60 -15.11 -4.53 -0.60
CA HIS F 60 -15.90 -4.50 0.65
C HIS F 60 -16.51 -5.87 0.93
N THR F 61 -16.71 -6.21 2.21
CA THR F 61 -17.39 -7.45 2.61
C THR F 61 -18.65 -7.21 3.44
N ALA F 62 -19.05 -5.95 3.53
CA ALA F 62 -20.34 -5.52 4.05
C ALA F 62 -20.75 -4.33 3.22
N ASN F 63 -21.91 -3.74 3.51
CA ASN F 63 -22.42 -2.66 2.69
C ASN F 63 -21.44 -1.47 2.61
N LEU F 64 -21.28 -0.95 1.40
CA LEU F 64 -20.41 0.19 1.17
C LEU F 64 -21.02 1.11 0.13
N CYS F 65 -21.17 2.37 0.49
CA CYS F 65 -21.49 3.45 -0.46
C CYS F 65 -20.30 4.39 -0.50
N VAL F 66 -19.90 4.78 -1.69
CA VAL F 66 -18.83 5.73 -1.86
C VAL F 66 -19.38 6.97 -2.54
N LEU F 67 -19.09 8.12 -1.95
CA LEU F 67 -19.50 9.39 -2.46
C LEU F 67 -18.27 10.10 -3.00
N LEU F 68 -18.36 10.68 -4.20
CA LEU F 68 -17.29 11.56 -4.66
C LEU F 68 -17.69 13.02 -4.46
N TYR F 69 -16.80 13.80 -3.83
CA TYR F 69 -17.06 15.21 -3.57
C TYR F 69 -16.18 16.13 -4.42
N ARG F 70 -16.72 17.27 -4.81
CA ARG F 70 -15.96 18.29 -5.50
C ARG F 70 -16.24 19.65 -4.85
N SER F 71 -15.20 20.25 -4.27
CA SER F 71 -15.33 21.55 -3.62
C SER F 71 -16.55 21.64 -2.71
N GLY F 72 -16.78 20.59 -1.91
CA GLY F 72 -17.84 20.58 -0.90
C GLY F 72 -19.19 20.05 -1.36
N VAL F 73 -19.32 19.75 -2.64
CA VAL F 73 -20.57 19.29 -3.22
C VAL F 73 -20.51 17.83 -3.66
N LYS F 74 -21.51 17.04 -3.25
CA LYS F 74 -21.60 15.63 -3.60
C LYS F 74 -21.95 15.50 -5.08
N VAL F 75 -21.10 14.81 -5.83
CA VAL F 75 -21.26 14.74 -7.27
C VAL F 75 -21.97 13.46 -7.70
N VAL F 76 -21.48 12.32 -7.22
CA VAL F 76 -22.08 11.02 -7.52
C VAL F 76 -21.96 10.06 -6.32
N THR F 77 -22.90 9.13 -6.21
CA THR F 77 -22.85 8.09 -5.17
C THR F 77 -23.19 6.73 -5.78
N PHE F 78 -22.41 5.72 -5.40
CA PHE F 78 -22.62 4.36 -5.88
C PHE F 78 -22.55 3.42 -4.68
N CYS F 79 -23.54 2.54 -4.56
CA CYS F 79 -23.63 1.63 -3.42
C CYS F 79 -23.61 0.18 -3.84
N GLY F 80 -22.95 -0.63 -3.02
CA GLY F 80 -22.92 -2.08 -3.22
C GLY F 80 -23.26 -2.75 -1.91
N HIS F 81 -24.17 -3.72 -1.95
CA HIS F 81 -24.55 -4.45 -0.75
C HIS F 81 -24.07 -5.88 -0.82
N THR F 82 -23.48 -6.34 0.27
CA THR F 82 -23.03 -7.71 0.38
C THR F 82 -23.02 -8.15 1.83
N SER F 83 -23.02 -9.46 2.04
CA SER F 83 -22.93 -10.03 3.38
C SER F 83 -21.88 -11.12 3.37
N LYS F 84 -20.79 -10.88 4.09
CA LYS F 84 -19.70 -11.84 4.25
C LYS F 84 -18.77 -11.91 3.05
N THR F 85 -19.34 -12.02 1.84
CA THR F 85 -18.55 -12.24 0.64
C THR F 85 -18.08 -10.93 0.00
N ASN F 86 -17.02 -11.03 -0.80
CA ASN F 86 -16.31 -9.86 -1.32
C ASN F 86 -16.81 -9.42 -2.70
N GLN F 87 -17.05 -8.11 -2.85
CA GLN F 87 -17.33 -7.51 -4.15
C GLN F 87 -16.56 -6.20 -4.32
N VAL F 88 -16.67 -5.61 -5.51
CA VAL F 88 -15.97 -4.37 -5.81
C VAL F 88 -16.94 -3.27 -6.18
N ASN F 89 -16.90 -2.19 -5.42
CA ASN F 89 -17.72 -1.03 -5.69
C ASN F 89 -16.88 -0.10 -6.53
N SER F 90 -17.44 0.32 -7.65
CA SER F 90 -16.71 1.15 -8.58
C SER F 90 -17.55 2.38 -8.98
N GLY F 91 -16.87 3.47 -9.28
CA GLY F 91 -17.55 4.70 -9.64
C GLY F 91 -16.56 5.63 -10.30
N GLY F 92 -17.07 6.62 -11.02
CA GLY F 92 -16.20 7.55 -11.77
C GLY F 92 -16.97 8.65 -12.48
N VAL F 93 -16.26 9.68 -12.92
CA VAL F 93 -16.88 10.87 -13.49
C VAL F 93 -15.82 11.78 -14.08
N LEU F 94 -16.20 12.57 -15.08
CA LEU F 94 -15.31 13.56 -15.70
C LEU F 94 -15.70 14.94 -15.18
N LEU F 95 -14.71 15.71 -14.74
CA LEU F 95 -14.95 17.03 -14.15
C LEU F 95 -13.94 18.04 -14.69
N ARG F 96 -14.46 19.19 -15.16
CA ARG F 96 -13.61 20.31 -15.56
C ARG F 96 -13.31 21.25 -14.38
N LEU F 97 -12.11 21.14 -13.82
CA LEU F 97 -11.76 21.80 -12.56
C LEU F 97 -10.95 23.09 -12.74
N GLN F 98 -11.17 24.05 -11.84
CA GLN F 98 -10.34 25.25 -11.72
C GLN F 98 -9.15 25.15 -10.67
N VAL F 99 -8.05 25.90 -10.71
CA VAL F 99 -6.97 25.76 -9.75
C VAL F 99 -7.53 25.85 -8.33
N GLY F 100 -7.06 24.97 -7.44
CA GLY F 100 -7.40 25.07 -6.03
C GLY F 100 -8.58 24.21 -5.59
N GLU F 101 -9.37 23.74 -6.55
CA GLU F 101 -10.52 22.90 -6.24
C GLU F 101 -10.10 21.57 -5.64
N GLU F 102 -10.86 21.12 -4.64
CA GLU F 102 -10.59 19.87 -3.95
C GLU F 102 -11.53 18.75 -4.39
N VAL F 103 -11.00 17.53 -4.50
CA VAL F 103 -11.83 16.37 -4.78
C VAL F 103 -11.50 15.25 -3.79
N TRP F 104 -12.53 14.59 -3.28
CA TRP F 104 -12.29 13.46 -2.39
C TRP F 104 -13.42 12.45 -2.44
N LEU F 105 -13.18 11.28 -1.87
CA LEU F 105 -14.17 10.24 -1.73
C LEU F 105 -14.54 10.12 -0.25
N ALA F 106 -15.80 9.78 0.00
CA ALA F 106 -16.33 9.71 1.35
C ALA F 106 -17.24 8.50 1.42
N VAL F 107 -17.48 8.02 2.64
CA VAL F 107 -18.53 7.01 2.87
C VAL F 107 -19.72 7.61 3.63
N ASN F 108 -20.85 6.92 3.62
CA ASN F 108 -21.98 7.35 4.43
C ASN F 108 -22.16 6.39 5.60
N ASP F 109 -23.39 5.97 5.87
CA ASP F 109 -23.63 5.04 6.97
C ASP F 109 -23.15 3.64 6.58
N TYR F 110 -23.07 3.40 5.27
CA TYR F 110 -22.49 2.19 4.73
C TYR F 110 -21.02 2.43 4.39
N TYR F 111 -20.14 1.94 5.25
CA TYR F 111 -18.74 2.36 5.24
C TYR F 111 -17.70 1.23 5.08
N ASP F 112 -18.13 0.01 4.78
CA ASP F 112 -17.17 -1.10 4.85
C ASP F 112 -16.17 -1.10 3.70
N MET F 113 -14.88 -1.13 4.03
CA MET F 113 -13.82 -1.28 3.01
C MET F 113 -12.85 -2.40 3.36
N VAL F 114 -13.39 -3.46 3.92
CA VAL F 114 -12.54 -4.56 4.36
C VAL F 114 -12.63 -5.67 3.30
N GLY F 115 -11.76 -5.59 2.30
CA GLY F 115 -11.73 -6.64 1.29
C GLY F 115 -11.15 -7.90 1.89
N ILE F 116 -11.37 -9.04 1.25
CA ILE F 116 -10.67 -10.25 1.65
C ILE F 116 -9.19 -10.12 1.24
N GLN F 117 -8.35 -11.05 1.71
CA GLN F 117 -6.95 -11.09 1.33
C GLN F 117 -6.66 -11.18 -0.39
N GLY F 118 -6.07 -10.14 -0.97
CA GLY F 118 -5.93 -10.07 -2.42
C GLY F 118 -7.01 -9.25 -3.09
N SER F 119 -7.81 -8.56 -2.31
CA SER F 119 -8.77 -7.61 -2.87
C SER F 119 -8.56 -6.25 -2.23
N ASP F 120 -8.17 -5.28 -3.05
CA ASP F 120 -7.70 -4.00 -2.58
C ASP F 120 -8.66 -2.85 -2.95
N SER F 121 -8.34 -1.63 -2.55
CA SER F 121 -9.18 -0.47 -2.81
C SER F 121 -8.32 0.66 -3.37
N VAL F 122 -8.72 1.21 -4.52
CA VAL F 122 -7.86 2.11 -5.30
C VAL F 122 -8.62 3.35 -5.82
N PHE F 123 -7.92 4.48 -5.92
CA PHE F 123 -8.49 5.75 -6.35
C PHE F 123 -7.51 6.39 -7.31
N SER F 124 -7.95 6.63 -8.54
CA SER F 124 -7.11 7.20 -9.57
C SER F 124 -7.74 8.47 -10.14
N GLY F 125 -6.91 9.36 -10.64
CA GLY F 125 -7.39 10.54 -11.35
C GLY F 125 -6.29 11.04 -12.28
N PHE F 126 -6.68 11.61 -13.42
CA PHE F 126 -5.69 12.20 -14.31
C PHE F 126 -6.26 13.31 -15.19
N LEU F 127 -5.41 14.29 -15.49
CA LEU F 127 -5.74 15.39 -16.38
C LEU F 127 -5.72 14.92 -17.82
N LEU F 128 -6.79 15.21 -18.55
CA LEU F 128 -6.90 14.82 -19.95
C LEU F 128 -6.73 16.02 -20.90
N PHE F 129 -7.39 17.14 -20.57
CA PHE F 129 -7.31 18.35 -21.38
C PHE F 129 -7.02 19.58 -20.51
N PRO F 130 -5.80 20.11 -20.59
CA PRO F 130 -5.47 21.32 -19.83
C PRO F 130 -6.21 22.55 -20.33
N ASP F 131 -6.54 23.46 -19.42
CA ASP F 131 -6.87 24.82 -19.83
C ASP F 131 -5.94 25.82 -19.17
C1 NAG G . 2.40 8.10 34.31
C2 NAG G . 1.88 7.24 35.44
C3 NAG G . 2.15 7.86 36.80
C4 NAG G . 3.59 8.39 36.89
C5 NAG G . 3.91 9.25 35.69
C6 NAG G . 5.34 9.78 35.75
C7 NAG G . -0.04 6.06 34.50
C8 NAG G . -0.22 4.72 35.15
N2 NAG G . 0.45 7.03 35.25
O1 NAG G . 2.32 7.33 33.12
O3 NAG G . 1.94 6.87 37.79
O4 NAG G . 3.74 9.13 38.07
O5 NAG G . 3.74 8.49 34.51
O6 NAG G . 5.93 9.71 34.47
O7 NAG G . -0.33 6.22 33.32
CA CA H . 9.68 -16.56 18.45
N SEP I . 15.11 -8.21 -12.30
CA SEP I . 15.33 -6.90 -11.62
CB SEP I . 14.06 -6.05 -11.68
OG SEP I . 12.98 -6.70 -11.04
C SEP I . 15.77 -7.09 -10.17
O SEP I . 16.73 -6.46 -9.74
P SEP I . 11.87 -5.63 -10.54
O1P SEP I . 11.48 -4.61 -11.71
O2P SEP I . 12.48 -4.81 -9.30
O3P SEP I . 10.58 -6.42 -10.02
CA CA J . -23.96 -8.31 -9.07
#